data_3KYC
#
_entry.id   3KYC
#
_cell.length_a   59.174
_cell.length_b   133.365
_cell.length_c   159.656
_cell.angle_alpha   90.000
_cell.angle_beta   90.000
_cell.angle_gamma   90.000
#
_symmetry.space_group_name_H-M   'P 21 21 21'
#
loop_
_entity.id
_entity.type
_entity.pdbx_description
1 polymer 'SUMO-activating enzyme subunit 1'
2 polymer 'SUMO-activating enzyme subunit 2'
3 polymer 'Small ubiquitin-related modifier 1'
4 non-polymer 'ZINC ION'
5 non-polymer "5'-deoxy-5'-(sulfamoylamino)adenosine"
6 water water
#
loop_
_entity_poly.entity_id
_entity_poly.type
_entity_poly.pdbx_seq_one_letter_code
_entity_poly.pdbx_strand_id
1 'polypeptide(L)'
;MVEKEEAGGGISEEEAAQYDRQIRLWGLEAQKRLRASRVLLVGLKGLGAEIAKNLILAGVKGLTMLDHEQVTPEDPGAQF
LIRTGSVGRNRAEASLERAQNLNPMVDVKVDTEDIEKKPESFFTQFDAVCLTCCSRDVIVKVDQICHKNSIKFFTGDVFG
YHGYTFANLGEHEFVEEKTKVAKVSQGVEDGPDTKRAKLDSSETTMVKKKVVFCPVKEALEVDWSSEKAKAALKRTTSDY
FLLQVLLKFRTDKGRDPSSDTYEEDSELLLQIRNDVLDSLGISPDLLPEDFVRYCFSEMAPVCAVVGGILAQEIVKALSQ
RDPPHNNFFFFDGMKGNGIVECLGPK
;
A
2 'polypeptide(L)'
;MGSSHHHHHHSSGLVPRGSHMALSRGLPRELAEAVAGGRVLVVGAGGIGCELLKNLVLTGFSHIDLIDLDTIDVSNLNRQ
FLFQKKHVGRSKAQVAKESVLQFYPKANIVAYHDSIMNPDYNVEFFRQFILVMNALDNRAARNHVNRMCLAADVPLIESG
TAGYLGQVTTIKKGVTECYECHPKPTQRTFPGCTIRNTPSEPIHCIVWAKYLFNQLFGEEDADQEVSPDRADPEAAWEPT
EAEARARACNEDGDIKRISTKEWAKSTGYDPVKLFTKLFKDDIRYLLTMDKLWRKRKPPVPLDWAEVQSQGEETNASDQQ
NEPQLGLKDQQVLDVKSYARLFSKSIETLRVHLAEKGDGAELIWDKDDPSAMDFVTSAANLRMHIFSMNMKSRFDIKSMA
GNIIPAIATTNAVIAGLIVLEGLKILSGKIDQCRTIFLNKQPNPRKKLLVPCALDPPNPNCYVCASKPEVTVRLNVHKVT
VLTLQDKIVKEKFAMVAPDVQIEDGKGTILISSEEGETEANNHKKLSEFGIRNGSRLQADDFLQDYTLLINILHSEDLGK
DVEFEVVGDAPEKVGPKQAEDAAKSITNGSDDGAQPSTSTAQEQDDVLIVDSDEEDSSNNADVSEEERSRKRKLDEKENL
SAKRSRIEQKEELDDVIALD
;
B
3 'polypeptide(L)'
;MSDQEAKPSTEDLGDKKEGEYIKLKVIGQDSSEIHFKVKMTTHLKKLKESYCQRQGVPMNSLRFLFEGQRIADNHTPKEL
GMEEEDVIEVYQEQCGG
;
D
#
# COMPACT_ATOMS: atom_id res chain seq x y z
N GLY A 9 -8.82 -24.61 8.47
CA GLY A 9 -9.63 -24.08 9.62
C GLY A 9 -8.96 -24.01 11.00
N GLY A 10 -7.79 -24.68 11.13
CA GLY A 10 -7.19 -25.07 12.42
C GLY A 10 -5.92 -24.37 12.87
N ILE A 11 -5.93 -23.03 12.83
CA ILE A 11 -4.99 -22.18 13.55
C ILE A 11 -5.80 -21.56 14.71
N SER A 12 -5.13 -21.04 15.74
CA SER A 12 -5.80 -20.57 16.93
C SER A 12 -6.44 -19.22 16.67
N GLU A 13 -7.36 -18.80 17.55
CA GLU A 13 -7.96 -17.48 17.39
C GLU A 13 -6.85 -16.48 17.62
N GLU A 14 -5.82 -16.85 18.37
CA GLU A 14 -4.76 -15.89 18.61
C GLU A 14 -4.03 -15.57 17.29
N GLU A 15 -3.75 -16.62 16.54
CA GLU A 15 -3.02 -16.52 15.31
C GLU A 15 -3.86 -15.80 14.28
N ALA A 16 -5.14 -16.16 14.23
CA ALA A 16 -6.05 -15.53 13.30
C ALA A 16 -6.04 -13.99 13.44
N ALA A 17 -5.98 -13.49 14.68
CA ALA A 17 -6.03 -12.03 14.86
C ALA A 17 -4.72 -11.39 14.49
N GLN A 18 -3.60 -12.03 14.78
CA GLN A 18 -2.30 -11.42 14.39
C GLN A 18 -1.91 -11.58 12.90
N TYR A 19 -2.31 -12.69 12.29
CA TYR A 19 -2.00 -12.92 10.88
C TYR A 19 -3.06 -12.37 9.97
N ASP A 20 -3.99 -11.63 10.59
CA ASP A 20 -5.24 -11.22 9.92
C ASP A 20 -4.92 -10.60 8.57
N ARG A 21 -4.04 -9.59 8.61
CA ARG A 21 -3.73 -8.76 7.46
C ARG A 21 -2.94 -9.48 6.37
N GLN A 22 -2.20 -10.57 6.74
CA GLN A 22 -1.55 -11.41 5.69
C GLN A 22 -2.51 -12.50 5.11
N ILE A 23 -3.34 -13.07 6.01
CA ILE A 23 -4.32 -14.06 5.59
C ILE A 23 -5.21 -13.40 4.52
N ARG A 24 -5.45 -12.10 4.65
CA ARG A 24 -6.28 -11.38 3.69
C ARG A 24 -5.54 -11.14 2.37
N LEU A 25 -4.21 -11.24 2.41
CA LEU A 25 -3.39 -11.16 1.18
C LEU A 25 -3.31 -12.52 0.49
N TRP A 26 -2.95 -13.58 1.22
CA TRP A 26 -2.55 -14.88 0.61
C TRP A 26 -3.38 -16.11 1.08
N GLY A 27 -4.38 -15.88 1.95
CA GLY A 27 -5.32 -16.93 2.30
C GLY A 27 -4.81 -17.81 3.41
N LEU A 28 -5.75 -18.50 4.05
CA LEU A 28 -5.47 -19.40 5.18
C LEU A 28 -4.62 -20.60 4.72
N GLU A 29 -4.86 -21.18 3.54
CA GLU A 29 -4.03 -22.33 3.09
C GLU A 29 -2.54 -22.02 3.08
N ALA A 30 -2.19 -20.90 2.44
CA ALA A 30 -0.82 -20.54 2.28
C ALA A 30 -0.22 -20.38 3.68
N GLN A 31 -0.97 -19.74 4.58
CA GLN A 31 -0.51 -19.49 5.94
C GLN A 31 -0.44 -20.77 6.75
N LYS A 32 -1.26 -21.76 6.40
CA LYS A 32 -1.14 -23.07 7.04
C LYS A 32 0.17 -23.75 6.61
N ARG A 33 0.58 -23.49 5.38
CA ARG A 33 1.85 -23.99 4.84
C ARG A 33 3.02 -23.42 5.54
N LEU A 34 3.10 -22.10 5.52
CA LEU A 34 4.08 -21.39 6.33
C LEU A 34 4.15 -22.03 7.70
N ARG A 35 3.01 -22.17 8.37
CA ARG A 35 2.96 -22.65 9.77
C ARG A 35 3.54 -24.07 10.04
N ALA A 36 3.50 -24.89 9.01
CA ALA A 36 4.07 -26.23 8.99
C ALA A 36 5.56 -26.26 8.52
N SER A 37 6.16 -25.09 8.24
CA SER A 37 7.46 -24.99 7.57
C SER A 37 8.61 -24.61 8.49
N ARG A 38 9.72 -25.32 8.29
CA ARG A 38 10.87 -25.13 9.12
C ARG A 38 11.98 -24.56 8.25
N VAL A 39 12.67 -23.53 8.74
CA VAL A 39 13.67 -22.82 7.93
C VAL A 39 15.03 -22.69 8.62
N LEU A 40 16.05 -23.01 7.83
CA LEU A 40 17.43 -22.81 8.19
C LEU A 40 17.92 -21.56 7.52
N LEU A 41 18.48 -20.65 8.30
CA LEU A 41 19.00 -19.42 7.78
C LEU A 41 20.40 -19.38 8.31
N VAL A 42 21.39 -19.22 7.43
CA VAL A 42 22.83 -19.17 7.80
C VAL A 42 23.45 -17.76 7.71
N GLY A 43 24.03 -17.29 8.84
CA GLY A 43 24.71 -15.97 8.93
C GLY A 43 23.79 -14.85 9.35
N LEU A 44 24.16 -14.12 10.39
CA LEU A 44 23.25 -13.17 11.00
C LEU A 44 23.78 -11.79 11.04
N LYS A 45 24.42 -11.37 9.95
CA LYS A 45 24.79 -9.97 9.88
C LYS A 45 23.55 -9.27 9.37
N GLY A 46 23.72 -8.15 8.64
CA GLY A 46 22.60 -7.32 8.26
C GLY A 46 21.53 -8.04 7.43
N LEU A 47 21.93 -8.65 6.35
CA LEU A 47 20.96 -9.33 5.52
C LEU A 47 20.28 -10.48 6.27
N GLY A 48 21.06 -11.29 6.98
CA GLY A 48 20.49 -12.41 7.69
C GLY A 48 19.45 -11.95 8.68
N ALA A 49 19.72 -10.82 9.34
CA ALA A 49 18.82 -10.32 10.39
C ALA A 49 17.47 -9.91 9.82
N GLU A 50 17.48 -9.28 8.63
CA GLU A 50 16.22 -8.94 7.91
C GLU A 50 15.35 -10.16 7.58
N ILE A 51 15.95 -11.17 6.99
CA ILE A 51 15.26 -12.41 6.67
C ILE A 51 14.65 -13.09 7.90
N ALA A 52 15.44 -13.18 8.97
CA ALA A 52 15.00 -13.73 10.23
C ALA A 52 13.75 -12.98 10.67
N LYS A 53 13.83 -11.65 10.62
CA LYS A 53 12.75 -10.80 11.15
C LYS A 53 11.52 -11.07 10.28
N ASN A 54 11.70 -11.06 8.96
CA ASN A 54 10.62 -11.28 8.03
C ASN A 54 10.01 -12.67 8.19
N LEU A 55 10.79 -13.73 8.23
CA LEU A 55 10.15 -15.03 8.28
C LEU A 55 9.45 -15.31 9.63
N ILE A 56 10.04 -14.82 10.73
CA ILE A 56 9.39 -14.93 12.02
C ILE A 56 8.03 -14.17 12.10
N LEU A 57 7.98 -12.92 11.62
CA LEU A 57 6.70 -12.20 11.51
C LEU A 57 5.71 -12.95 10.63
N ALA A 58 6.18 -13.75 9.68
CA ALA A 58 5.27 -14.47 8.80
C ALA A 58 4.73 -15.71 9.48
N GLY A 59 5.46 -16.21 10.44
CA GLY A 59 4.95 -17.32 11.20
C GLY A 59 5.16 -18.64 10.54
N VAL A 60 6.41 -18.91 10.24
CA VAL A 60 6.85 -20.25 9.91
C VAL A 60 6.78 -21.06 11.18
N LYS A 61 6.77 -22.39 11.07
CA LYS A 61 6.74 -23.24 12.26
C LYS A 61 7.96 -22.95 13.04
N GLY A 62 9.13 -22.98 12.40
CA GLY A 62 10.36 -22.66 13.14
C GLY A 62 11.48 -22.10 12.31
N LEU A 63 12.31 -21.26 12.92
CA LEU A 63 13.56 -20.79 12.28
C LEU A 63 14.82 -21.20 13.05
N THR A 64 15.73 -21.91 12.41
CA THR A 64 17.05 -22.18 13.04
C THR A 64 18.06 -21.19 12.47
N MET A 65 18.64 -20.36 13.33
CA MET A 65 19.66 -19.42 12.88
C MET A 65 21.08 -19.89 13.21
N LEU A 66 21.81 -20.20 12.15
CA LEU A 66 23.14 -20.74 12.23
C LEU A 66 24.19 -19.70 11.87
N ASP A 67 25.07 -19.43 12.84
CA ASP A 67 26.28 -18.61 12.66
C ASP A 67 27.31 -19.10 13.67
N HIS A 68 28.52 -19.37 13.17
CA HIS A 68 29.60 -19.84 14.01
C HIS A 68 30.50 -18.66 14.42
N GLU A 69 30.35 -17.51 13.78
CA GLU A 69 31.17 -16.31 14.04
C GLU A 69 30.64 -15.57 15.25
N GLN A 70 31.48 -14.73 15.83
CA GLN A 70 31.15 -14.01 17.04
C GLN A 70 31.07 -12.55 16.69
N VAL A 71 30.51 -11.74 17.59
CA VAL A 71 30.49 -10.27 17.42
C VAL A 71 31.88 -9.62 17.59
N THR A 72 32.32 -8.99 16.52
CA THR A 72 33.55 -8.21 16.42
C THR A 72 33.24 -6.75 16.75
N PRO A 73 34.28 -5.92 17.06
CA PRO A 73 34.09 -4.46 17.13
C PRO A 73 34.09 -3.80 15.74
N GLU A 74 34.40 -4.57 14.70
CA GLU A 74 34.17 -4.14 13.31
C GLU A 74 32.68 -4.19 12.95
N ASP A 75 32.00 -5.24 13.44
CA ASP A 75 30.55 -5.34 13.31
C ASP A 75 29.88 -4.07 13.81
N PRO A 76 29.01 -3.45 12.97
CA PRO A 76 28.06 -2.41 13.29
C PRO A 76 27.65 -2.28 14.77
N GLY A 77 27.92 -1.11 15.35
CA GLY A 77 27.55 -0.81 16.76
C GLY A 77 26.05 -0.87 17.04
N ALA A 78 25.27 -0.93 15.96
CA ALA A 78 23.79 -1.09 15.97
C ALA A 78 23.33 -2.28 15.13
N GLN A 79 22.59 -3.18 15.77
CA GLN A 79 22.03 -4.36 15.10
C GLN A 79 20.75 -4.73 15.81
N PHE A 80 19.64 -4.84 15.09
CA PHE A 80 18.34 -4.80 15.78
C PHE A 80 17.95 -6.11 16.45
N LEU A 81 18.75 -7.16 16.27
CA LEU A 81 18.54 -8.41 16.99
C LEU A 81 19.49 -8.53 18.18
N ILE A 82 20.39 -7.57 18.29
CA ILE A 82 21.57 -7.64 19.15
C ILE A 82 21.78 -6.36 20.04
N ARG A 83 21.47 -6.51 21.34
CA ARG A 83 21.66 -5.41 22.33
C ARG A 83 23.11 -4.93 22.27
N THR A 84 23.35 -3.67 22.58
CA THR A 84 24.70 -3.08 22.44
C THR A 84 25.84 -3.78 23.23
N GLY A 85 27.08 -3.57 22.76
CA GLY A 85 28.28 -4.04 23.44
C GLY A 85 28.48 -5.55 23.56
N SER A 86 27.61 -6.32 22.91
CA SER A 86 27.67 -7.80 22.94
C SER A 86 28.83 -8.39 22.09
N VAL A 87 29.93 -7.63 21.96
CA VAL A 87 31.18 -8.16 21.33
C VAL A 87 31.77 -9.41 22.06
N GLY A 88 32.28 -10.37 21.29
CA GLY A 88 32.74 -11.62 21.89
C GLY A 88 31.71 -12.74 21.93
N ARG A 89 30.45 -12.37 22.17
CA ARG A 89 29.27 -13.27 22.07
C ARG A 89 29.04 -13.87 20.68
N ASN A 90 28.58 -15.12 20.65
CA ASN A 90 28.13 -15.67 19.37
C ASN A 90 26.96 -14.88 18.73
N ARG A 91 27.12 -14.57 17.44
CA ARG A 91 26.11 -13.85 16.64
C ARG A 91 24.72 -14.50 16.77
N ALA A 92 24.60 -15.73 16.29
CA ALA A 92 23.35 -16.44 16.38
C ALA A 92 22.82 -16.38 17.80
N GLU A 93 23.69 -16.51 18.79
CA GLU A 93 23.25 -16.56 20.17
C GLU A 93 22.76 -15.21 20.72
N ALA A 94 23.44 -14.12 20.34
CA ALA A 94 23.11 -12.74 20.81
C ALA A 94 21.74 -12.32 20.31
N SER A 95 21.60 -12.49 18.99
CA SER A 95 20.36 -12.44 18.19
C SER A 95 19.12 -13.12 18.75
N LEU A 96 19.23 -14.39 19.18
CA LEU A 96 18.06 -15.22 19.49
C LEU A 96 16.92 -14.54 20.26
N GLU A 97 17.31 -13.57 21.09
CA GLU A 97 16.42 -13.00 22.05
C GLU A 97 15.39 -12.10 21.41
N ARG A 98 15.89 -11.01 20.81
CA ARG A 98 15.10 -10.02 20.11
C ARG A 98 14.31 -10.74 18.99
N ALA A 99 14.96 -11.68 18.32
CA ALA A 99 14.34 -12.45 17.25
C ALA A 99 13.13 -13.24 17.73
N GLN A 100 13.26 -13.97 18.83
CA GLN A 100 12.14 -14.77 19.33
C GLN A 100 10.98 -13.92 19.83
N ASN A 101 11.27 -12.74 20.39
CA ASN A 101 10.19 -11.84 20.75
C ASN A 101 9.29 -11.48 19.60
N LEU A 102 9.87 -11.37 18.40
CA LEU A 102 9.08 -10.99 17.27
C LEU A 102 7.82 -11.84 17.15
N ASN A 103 7.90 -13.12 17.49
CA ASN A 103 6.72 -13.97 17.36
C ASN A 103 6.78 -15.29 18.10
N PRO A 104 6.18 -15.28 19.31
CA PRO A 104 6.18 -16.43 20.24
C PRO A 104 5.59 -17.71 19.59
N MET A 105 4.81 -17.55 18.54
CA MET A 105 4.29 -18.73 17.84
C MET A 105 5.38 -19.42 17.04
N VAL A 106 6.52 -18.78 16.85
CA VAL A 106 7.60 -19.44 16.11
C VAL A 106 8.69 -20.04 17.02
N ASP A 107 9.05 -21.31 16.76
CA ASP A 107 10.23 -22.02 17.33
C ASP A 107 11.59 -21.53 16.79
N VAL A 108 12.18 -20.58 17.47
CA VAL A 108 13.42 -19.99 16.96
C VAL A 108 14.64 -20.63 17.63
N LYS A 109 15.36 -21.44 16.90
CA LYS A 109 16.51 -22.16 17.46
C LYS A 109 17.83 -21.55 16.95
N VAL A 110 18.93 -21.82 17.63
CA VAL A 110 20.23 -21.41 17.14
C VAL A 110 21.17 -22.61 16.96
N ASP A 111 22.18 -22.41 16.14
CA ASP A 111 23.18 -23.39 15.94
C ASP A 111 24.46 -22.62 15.70
N THR A 112 25.56 -23.10 16.29
CA THR A 112 26.83 -22.37 16.34
C THR A 112 27.96 -23.09 15.57
N GLU A 113 27.67 -24.27 15.03
CA GLU A 113 28.63 -25.04 14.33
C GLU A 113 28.75 -24.47 12.90
N ASP A 114 29.97 -24.29 12.41
CA ASP A 114 30.23 -23.84 11.05
C ASP A 114 29.44 -24.69 10.04
N ILE A 115 28.71 -24.02 9.15
CA ILE A 115 27.90 -24.68 8.11
C ILE A 115 28.63 -25.76 7.29
N GLU A 116 29.93 -25.59 7.03
CA GLU A 116 30.69 -26.61 6.26
C GLU A 116 30.75 -27.98 6.96
N LYS A 117 30.58 -27.95 8.28
CA LYS A 117 30.83 -29.15 9.07
C LYS A 117 29.63 -30.08 9.19
N LYS A 118 28.57 -29.78 8.46
CA LYS A 118 27.24 -30.22 8.72
C LYS A 118 27.01 -31.37 7.79
N PRO A 119 26.46 -32.50 8.30
CA PRO A 119 26.27 -33.68 7.48
C PRO A 119 25.07 -33.53 6.57
N GLU A 120 25.02 -34.31 5.51
CA GLU A 120 23.85 -34.30 4.66
C GLU A 120 22.47 -34.36 5.40
N SER A 121 22.17 -35.45 6.17
CA SER A 121 20.89 -35.58 6.83
C SER A 121 20.46 -34.42 7.79
N PHE A 122 21.41 -33.57 8.17
CA PHE A 122 21.06 -32.42 8.97
C PHE A 122 20.11 -31.45 8.24
N PHE A 123 20.26 -31.37 6.92
CA PHE A 123 19.46 -30.49 6.11
C PHE A 123 18.00 -30.98 5.96
N THR A 124 17.75 -32.26 6.24
CA THR A 124 16.43 -32.80 5.91
C THR A 124 15.33 -32.45 6.91
N GLN A 125 15.64 -31.65 7.92
CA GLN A 125 14.59 -31.23 8.87
C GLN A 125 14.07 -29.85 8.48
N PHE A 126 14.44 -29.39 7.28
CA PHE A 126 14.15 -28.04 6.81
C PHE A 126 13.49 -28.08 5.48
N ASP A 127 12.44 -27.31 5.31
CA ASP A 127 11.75 -27.25 4.02
C ASP A 127 12.41 -26.26 3.13
N ALA A 128 13.20 -25.38 3.73
CA ALA A 128 13.98 -24.43 2.93
C ALA A 128 15.23 -23.98 3.65
N VAL A 129 16.28 -23.68 2.86
CA VAL A 129 17.59 -23.34 3.44
C VAL A 129 18.02 -22.06 2.84
N CYS A 130 18.51 -21.11 3.63
CA CYS A 130 18.93 -19.91 2.99
C CYS A 130 20.27 -19.41 3.48
N LEU A 131 21.19 -19.16 2.54
CA LEU A 131 22.61 -18.85 2.84
C LEU A 131 23.03 -17.41 2.67
N THR A 132 23.60 -16.89 3.73
CA THR A 132 24.10 -15.55 3.74
C THR A 132 25.58 -15.67 4.13
N CYS A 133 26.45 -14.80 3.62
CA CYS A 133 27.85 -14.76 4.10
C CYS A 133 28.68 -16.04 3.81
N CYS A 134 28.21 -16.92 2.96
CA CYS A 134 28.92 -18.15 2.69
C CYS A 134 29.89 -17.98 1.52
N SER A 135 30.97 -18.75 1.57
CA SER A 135 31.93 -18.79 0.47
C SER A 135 31.29 -19.56 -0.70
N ARG A 136 31.80 -19.32 -1.89
CA ARG A 136 31.24 -19.97 -3.05
C ARG A 136 31.18 -21.48 -2.88
N ASP A 137 32.16 -22.02 -2.17
CA ASP A 137 32.29 -23.49 -2.04
C ASP A 137 31.13 -24.06 -1.26
N VAL A 138 30.85 -23.36 -0.17
CA VAL A 138 29.74 -23.67 0.72
C VAL A 138 28.48 -23.63 -0.12
N ILE A 139 28.34 -22.52 -0.85
CA ILE A 139 27.12 -22.31 -1.60
C ILE A 139 26.89 -23.53 -2.50
N VAL A 140 27.92 -23.96 -3.19
CA VAL A 140 27.77 -25.16 -4.02
C VAL A 140 27.54 -26.49 -3.23
N LYS A 141 28.35 -26.80 -2.22
CA LYS A 141 28.10 -28.05 -1.45
C LYS A 141 26.64 -28.15 -0.94
N VAL A 142 26.18 -27.07 -0.32
CA VAL A 142 24.83 -26.98 0.21
C VAL A 142 23.77 -27.05 -0.88
N ASP A 143 23.95 -26.32 -2.00
CA ASP A 143 22.91 -26.33 -3.04
C ASP A 143 22.69 -27.76 -3.51
N GLN A 144 23.82 -28.44 -3.65
CA GLN A 144 23.88 -29.80 -4.19
C GLN A 144 23.18 -30.75 -3.25
N ILE A 145 23.40 -30.54 -1.96
CA ILE A 145 22.78 -31.35 -0.92
C ILE A 145 21.27 -31.17 -1.00
N CYS A 146 20.85 -29.92 -1.17
CA CYS A 146 19.44 -29.61 -1.17
C CYS A 146 18.78 -30.14 -2.42
N HIS A 147 19.50 -30.13 -3.53
CA HIS A 147 19.01 -30.84 -4.68
C HIS A 147 18.83 -32.34 -4.39
N LYS A 148 19.75 -32.93 -3.64
CA LYS A 148 19.73 -34.41 -3.46
C LYS A 148 18.53 -34.79 -2.60
N ASN A 149 17.98 -33.79 -1.91
CA ASN A 149 16.99 -34.00 -0.87
C ASN A 149 15.71 -33.22 -1.09
N SER A 150 15.59 -32.59 -2.25
CA SER A 150 14.37 -31.92 -2.61
C SER A 150 14.09 -30.79 -1.62
N ILE A 151 15.17 -30.17 -1.11
CA ILE A 151 15.04 -29.01 -0.25
C ILE A 151 15.10 -27.74 -1.10
N LYS A 152 14.15 -26.83 -0.92
CA LYS A 152 14.26 -25.45 -1.43
C LYS A 152 15.53 -24.70 -1.06
N PHE A 153 16.30 -24.24 -2.06
CA PHE A 153 17.59 -23.56 -1.80
C PHE A 153 17.63 -22.05 -2.11
N PHE A 154 18.23 -21.25 -1.23
CA PHE A 154 18.40 -19.80 -1.46
C PHE A 154 19.74 -19.38 -0.95
N THR A 155 20.26 -18.33 -1.56
CA THR A 155 21.45 -17.65 -1.08
C THR A 155 21.20 -16.15 -1.42
N GLY A 156 21.90 -15.26 -0.73
CA GLY A 156 21.79 -13.82 -0.91
C GLY A 156 22.90 -13.09 -0.17
N ASP A 157 23.18 -11.87 -0.58
CA ASP A 157 24.25 -11.14 0.08
C ASP A 157 24.12 -9.69 -0.22
N VAL A 158 24.64 -8.87 0.67
CA VAL A 158 24.67 -7.45 0.44
C VAL A 158 26.15 -7.02 0.38
N PHE A 159 26.49 -6.09 -0.54
CA PHE A 159 27.84 -5.53 -0.68
C PHE A 159 27.74 -4.07 -0.91
N GLY A 160 28.08 -3.31 0.12
CA GLY A 160 27.76 -1.89 0.10
C GLY A 160 26.34 -1.65 -0.39
N TYR A 161 26.24 -1.14 -1.61
CA TYR A 161 24.99 -0.64 -2.13
C TYR A 161 24.35 -1.66 -3.00
N HIS A 162 25.04 -2.75 -3.26
CA HIS A 162 24.43 -3.81 -4.07
C HIS A 162 23.98 -4.99 -3.25
N GLY A 163 23.11 -5.79 -3.82
CA GLY A 163 22.62 -6.98 -3.20
C GLY A 163 22.07 -7.91 -4.26
N TYR A 164 22.01 -9.19 -3.94
CA TYR A 164 21.45 -10.16 -4.87
C TYR A 164 20.80 -11.26 -4.07
N THR A 165 19.85 -11.91 -4.69
CA THR A 165 19.43 -13.18 -4.13
C THR A 165 19.58 -14.19 -5.24
N PHE A 166 19.51 -15.47 -4.87
CA PHE A 166 19.54 -16.56 -5.81
C PHE A 166 18.59 -17.63 -5.28
N ALA A 167 17.95 -18.36 -6.17
CA ALA A 167 17.01 -19.38 -5.77
C ALA A 167 17.12 -20.65 -6.64
N ASN A 168 17.04 -21.82 -5.99
CA ASN A 168 16.94 -23.06 -6.69
C ASN A 168 15.86 -23.92 -6.15
N LEU A 169 14.75 -23.93 -6.84
CA LEU A 169 13.63 -24.61 -6.26
C LEU A 169 13.29 -25.94 -6.92
N GLY A 170 14.18 -26.35 -7.82
CA GLY A 170 14.11 -27.66 -8.48
C GLY A 170 12.96 -27.73 -9.45
N GLU A 171 12.17 -28.78 -9.32
CA GLU A 171 10.89 -28.80 -10.01
C GLU A 171 9.78 -28.30 -9.10
N HIS A 172 9.40 -27.04 -9.33
CA HIS A 172 8.55 -26.30 -8.41
C HIS A 172 7.12 -26.08 -8.91
N GLU A 173 6.18 -26.71 -8.19
CA GLU A 173 4.73 -26.56 -8.41
C GLU A 173 4.18 -25.45 -7.50
N PHE A 174 3.39 -24.56 -8.09
CA PHE A 174 2.69 -23.51 -7.37
C PHE A 174 1.33 -23.17 -7.99
N VAL A 175 0.46 -22.60 -7.17
CA VAL A 175 -0.81 -22.05 -7.63
C VAL A 175 -0.67 -20.51 -7.76
N GLU A 176 -1.31 -19.97 -8.79
CA GLU A 176 -1.41 -18.53 -8.97
C GLU A 176 -2.89 -18.12 -8.87
N GLU A 177 -3.14 -16.82 -8.73
CA GLU A 177 -4.50 -16.30 -8.89
C GLU A 177 -4.78 -15.98 -10.39
N LYS A 178 -5.98 -16.35 -10.89
CA LYS A 178 -6.42 -16.09 -12.29
C LYS A 178 -7.24 -14.80 -12.44
N THR A 179 -6.68 -13.82 -13.18
CA THR A 179 -7.23 -12.44 -13.34
C THR A 179 -8.62 -12.28 -14.02
N LYS A 180 -9.57 -13.17 -13.65
CA LYS A 180 -10.94 -13.27 -14.21
C LYS A 180 -11.04 -13.58 -15.72
N THR A 205 -10.99 -19.14 -9.64
CA THR A 205 -9.93 -18.29 -9.11
C THR A 205 -8.51 -18.82 -9.46
N MET A 206 -8.22 -20.06 -9.02
CA MET A 206 -6.86 -20.66 -8.89
C MET A 206 -6.33 -21.52 -10.07
N VAL A 207 -5.08 -21.27 -10.49
CA VAL A 207 -4.39 -22.00 -11.61
C VAL A 207 -3.11 -22.79 -11.16
N LYS A 208 -3.03 -24.10 -11.48
CA LYS A 208 -1.83 -24.93 -11.25
C LYS A 208 -0.76 -24.65 -12.30
N LYS A 209 0.49 -24.50 -11.86
CA LYS A 209 1.59 -24.03 -12.73
C LYS A 209 2.92 -24.69 -12.27
N LYS A 210 3.87 -24.83 -13.20
CA LYS A 210 5.15 -25.50 -12.93
C LYS A 210 6.33 -24.69 -13.52
N VAL A 211 7.46 -24.69 -12.82
CA VAL A 211 8.64 -23.87 -13.19
C VAL A 211 9.95 -24.55 -12.69
N VAL A 212 10.99 -24.54 -13.51
CA VAL A 212 12.11 -25.44 -13.28
C VAL A 212 13.43 -24.70 -13.07
N PHE A 213 14.02 -24.91 -11.88
CA PHE A 213 15.27 -24.24 -11.54
C PHE A 213 16.45 -25.19 -11.80
N CYS A 214 17.65 -24.66 -11.73
CA CYS A 214 18.84 -25.43 -12.03
C CYS A 214 19.88 -25.09 -10.96
N PRO A 215 20.85 -25.99 -10.71
CA PRO A 215 21.95 -25.77 -9.77
C PRO A 215 22.64 -24.40 -9.81
N VAL A 216 23.07 -23.94 -8.63
CA VAL A 216 23.95 -22.77 -8.45
C VAL A 216 25.18 -22.88 -9.30
N LYS A 217 25.80 -24.07 -9.24
CA LYS A 217 26.93 -24.40 -10.09
C LYS A 217 26.73 -23.93 -11.55
N GLU A 218 25.67 -24.39 -12.20
CA GLU A 218 25.35 -24.01 -13.58
C GLU A 218 25.00 -22.53 -13.77
N ALA A 219 24.46 -21.91 -12.72
CA ALA A 219 24.11 -20.50 -12.72
C ALA A 219 25.33 -19.59 -12.58
N LEU A 220 26.28 -19.94 -11.71
CA LEU A 220 27.52 -19.15 -11.55
C LEU A 220 28.60 -19.36 -12.62
N GLU A 221 28.40 -20.37 -13.46
CA GLU A 221 29.30 -20.78 -14.55
C GLU A 221 28.59 -20.82 -15.92
N VAL A 222 28.34 -19.66 -16.50
CA VAL A 222 27.68 -19.61 -17.79
C VAL A 222 28.76 -19.60 -18.86
N ASP A 223 28.53 -20.38 -19.92
CA ASP A 223 29.38 -20.33 -21.12
C ASP A 223 28.95 -19.13 -21.94
N TRP A 224 29.68 -18.03 -21.78
CA TRP A 224 29.43 -16.83 -22.56
C TRP A 224 30.08 -16.92 -23.94
N SER A 225 30.97 -17.92 -24.10
CA SER A 225 31.64 -18.24 -25.38
C SER A 225 30.69 -18.92 -26.43
N SER A 226 29.39 -18.60 -26.35
CA SER A 226 28.35 -19.16 -27.22
C SER A 226 27.78 -18.11 -28.20
N GLU A 227 26.74 -18.50 -28.94
CA GLU A 227 25.99 -17.59 -29.81
C GLU A 227 24.71 -17.10 -29.13
N LYS A 228 23.99 -18.05 -28.53
CA LYS A 228 22.89 -17.75 -27.62
C LYS A 228 23.41 -16.75 -26.63
N ALA A 229 24.49 -17.14 -25.94
CA ALA A 229 25.10 -16.39 -24.84
C ALA A 229 25.50 -14.95 -25.18
N LYS A 230 26.44 -14.79 -26.11
CA LYS A 230 26.93 -13.46 -26.48
C LYS A 230 25.80 -12.54 -26.94
N ALA A 231 24.73 -13.15 -27.47
CA ALA A 231 23.50 -12.45 -27.83
C ALA A 231 22.73 -11.92 -26.60
N ALA A 232 22.55 -12.79 -25.62
CA ALA A 232 21.80 -12.45 -24.40
C ALA A 232 22.59 -11.61 -23.39
N LEU A 233 23.91 -11.56 -23.55
CA LEU A 233 24.80 -10.79 -22.67
C LEU A 233 24.49 -9.30 -22.78
N LYS A 234 23.90 -8.93 -23.92
CA LYS A 234 23.43 -7.56 -24.15
C LYS A 234 22.40 -7.15 -23.08
N ARG A 235 21.50 -8.06 -22.76
CA ARG A 235 20.41 -7.78 -21.83
C ARG A 235 20.70 -8.14 -20.33
N THR A 236 21.99 -8.41 -20.00
CA THR A 236 22.42 -8.94 -18.66
C THR A 236 23.21 -7.95 -17.75
N THR A 237 22.56 -7.45 -16.70
CA THR A 237 23.16 -6.50 -15.77
C THR A 237 24.59 -6.85 -15.36
N SER A 238 25.40 -5.82 -15.25
CA SER A 238 26.80 -5.99 -14.94
C SER A 238 26.92 -6.60 -13.55
N ASP A 239 25.86 -6.44 -12.75
CA ASP A 239 25.85 -6.90 -11.38
C ASP A 239 26.11 -8.42 -11.24
N TYR A 240 25.62 -9.20 -12.22
CA TYR A 240 26.00 -10.61 -12.35
C TYR A 240 27.51 -10.80 -12.33
N PHE A 241 28.24 -9.84 -12.88
CA PHE A 241 29.68 -9.93 -12.96
C PHE A 241 30.30 -9.34 -11.73
N LEU A 242 29.76 -8.23 -11.27
CA LEU A 242 30.10 -7.72 -9.95
C LEU A 242 30.03 -8.87 -8.93
N LEU A 243 29.05 -9.77 -9.09
CA LEU A 243 28.90 -10.93 -8.19
C LEU A 243 30.18 -11.74 -8.19
N GLN A 244 30.55 -12.22 -9.37
CA GLN A 244 31.73 -13.08 -9.54
C GLN A 244 32.96 -12.52 -8.88
N VAL A 245 33.24 -11.25 -9.15
CA VAL A 245 34.32 -10.51 -8.53
C VAL A 245 34.28 -10.66 -7.04
N LEU A 246 33.10 -10.39 -6.49
CA LEU A 246 32.95 -10.28 -5.06
C LEU A 246 33.05 -11.66 -4.43
N LEU A 247 32.49 -12.66 -5.10
CA LEU A 247 32.60 -14.03 -4.60
C LEU A 247 34.08 -14.43 -4.52
N LYS A 248 34.88 -14.01 -5.51
CA LYS A 248 36.31 -14.34 -5.53
C LYS A 248 37.06 -13.71 -4.37
N PHE A 249 36.93 -12.40 -4.21
CA PHE A 249 37.55 -11.68 -3.13
C PHE A 249 37.18 -12.31 -1.79
N ARG A 250 36.14 -13.14 -1.81
CA ARG A 250 35.63 -13.70 -0.58
C ARG A 250 36.32 -15.04 -0.40
N THR A 251 36.51 -15.75 -1.50
CA THR A 251 37.15 -17.04 -1.46
C THR A 251 38.63 -16.81 -1.08
N ASP A 252 39.29 -15.89 -1.81
CA ASP A 252 40.68 -15.44 -1.54
C ASP A 252 40.66 -14.20 -0.64
N LYS A 253 40.40 -14.40 0.65
CA LYS A 253 40.66 -13.42 1.69
C LYS A 253 39.68 -13.73 2.85
N GLY A 254 38.67 -14.56 2.54
CA GLY A 254 37.78 -15.09 3.58
C GLY A 254 37.01 -14.01 4.30
N ARG A 255 36.89 -12.85 3.67
CA ARG A 255 36.02 -11.80 4.17
C ARG A 255 35.70 -10.94 3.00
N ASP A 256 34.70 -10.09 3.18
CA ASP A 256 34.23 -9.22 2.12
C ASP A 256 34.93 -7.89 2.34
N PRO A 257 35.04 -7.07 1.27
CA PRO A 257 35.68 -5.75 1.43
C PRO A 257 35.26 -5.04 2.72
N SER A 258 36.22 -4.73 3.60
CA SER A 258 35.92 -3.88 4.75
C SER A 258 36.26 -2.45 4.36
N SER A 259 35.80 -1.49 5.16
CA SER A 259 35.90 -0.09 4.74
C SER A 259 37.16 0.56 5.30
N ASP A 260 37.38 0.41 6.61
CA ASP A 260 38.67 0.79 7.25
C ASP A 260 39.86 -0.12 6.83
N THR A 261 39.90 -0.48 5.54
CA THR A 261 41.02 -1.13 4.88
C THR A 261 40.81 -0.87 3.38
N TYR A 262 40.07 0.21 3.09
CA TYR A 262 39.56 0.56 1.75
C TYR A 262 40.59 0.42 0.61
N GLU A 263 41.67 1.19 0.73
CA GLU A 263 42.77 1.28 -0.22
C GLU A 263 43.30 -0.08 -0.65
N GLU A 264 43.67 -0.88 0.35
CA GLU A 264 44.10 -2.27 0.16
C GLU A 264 43.09 -3.04 -0.69
N ASP A 265 41.82 -2.95 -0.28
CA ASP A 265 40.77 -3.78 -0.84
C ASP A 265 40.38 -3.38 -2.26
N SER A 266 40.36 -2.08 -2.50
CA SER A 266 40.06 -1.52 -3.83
C SER A 266 40.92 -2.11 -4.96
N GLU A 267 42.23 -2.25 -4.72
CA GLU A 267 43.16 -2.73 -5.74
C GLU A 267 42.88 -4.19 -6.01
N LEU A 268 42.71 -4.92 -4.89
CA LEU A 268 42.47 -6.34 -4.98
C LEU A 268 41.30 -6.57 -5.90
N LEU A 269 40.26 -5.76 -5.69
CA LEU A 269 39.06 -5.76 -6.52
C LEU A 269 39.32 -5.47 -8.00
N LEU A 270 40.01 -4.36 -8.26
CA LEU A 270 40.37 -3.96 -9.64
C LEU A 270 41.07 -5.07 -10.38
N GLN A 271 42.03 -5.67 -9.68
CA GLN A 271 42.74 -6.85 -10.14
C GLN A 271 41.78 -7.96 -10.57
N ILE A 272 41.19 -8.61 -9.56
CA ILE A 272 40.28 -9.74 -9.71
C ILE A 272 39.27 -9.58 -10.85
N ARG A 273 38.72 -8.39 -10.98
CA ARG A 273 37.85 -8.09 -12.08
C ARG A 273 38.40 -8.75 -13.36
N ASN A 274 39.59 -8.29 -13.76
CA ASN A 274 40.24 -8.68 -15.04
C ASN A 274 40.44 -10.17 -15.30
N ASP A 275 41.00 -10.87 -14.30
CA ASP A 275 41.28 -12.31 -14.37
C ASP A 275 40.04 -13.14 -14.66
N VAL A 276 38.91 -12.67 -14.10
CA VAL A 276 37.60 -13.33 -14.24
C VAL A 276 36.87 -12.95 -15.54
N LEU A 277 37.00 -11.69 -15.95
CA LEU A 277 36.54 -11.25 -17.28
C LEU A 277 37.24 -12.03 -18.41
N ASP A 278 38.57 -12.14 -18.28
CA ASP A 278 39.40 -12.99 -19.12
C ASP A 278 38.80 -14.39 -19.34
N SER A 279 38.48 -15.08 -18.24
CA SER A 279 38.17 -16.52 -18.29
C SER A 279 36.81 -16.92 -18.88
N LEU A 280 36.01 -15.95 -19.32
CA LEU A 280 34.78 -16.23 -20.09
C LEU A 280 34.65 -15.35 -21.35
N GLY A 281 35.46 -14.28 -21.41
CA GLY A 281 35.65 -13.47 -22.63
C GLY A 281 34.97 -12.10 -22.66
N ILE A 282 35.12 -11.33 -21.59
CA ILE A 282 34.40 -10.05 -21.46
C ILE A 282 35.33 -8.85 -21.41
N SER A 283 34.98 -7.80 -22.16
CA SER A 283 35.79 -6.59 -22.24
C SER A 283 35.77 -5.78 -20.93
N PRO A 284 36.92 -5.73 -20.20
CA PRO A 284 37.12 -5.01 -18.90
C PRO A 284 36.45 -3.63 -18.65
N ASP A 285 35.53 -3.22 -19.51
CA ASP A 285 34.68 -2.06 -19.19
C ASP A 285 33.15 -2.35 -19.14
N LEU A 286 32.73 -3.55 -19.59
CA LEU A 286 31.31 -3.99 -19.54
C LEU A 286 30.83 -4.08 -18.09
N LEU A 287 31.80 -4.29 -17.20
CA LEU A 287 31.68 -3.93 -15.79
C LEU A 287 32.56 -2.69 -15.57
N PRO A 288 31.94 -1.52 -15.32
CA PRO A 288 32.57 -0.25 -14.97
C PRO A 288 33.82 -0.43 -14.13
N GLU A 289 34.78 0.46 -14.31
CA GLU A 289 36.03 0.39 -13.59
C GLU A 289 35.87 1.08 -12.23
N ASP A 290 34.67 1.61 -12.03
CA ASP A 290 34.32 2.55 -10.96
C ASP A 290 33.52 1.92 -9.78
N PHE A 291 32.93 0.74 -10.04
CA PHE A 291 32.17 -0.07 -9.05
C PHE A 291 32.76 -0.10 -7.64
N VAL A 292 34.08 -0.24 -7.54
CA VAL A 292 34.82 -0.31 -6.28
C VAL A 292 34.38 0.63 -5.16
N ARG A 293 33.82 1.79 -5.53
CA ARG A 293 33.44 2.83 -4.55
C ARG A 293 32.29 2.32 -3.70
N TYR A 294 31.31 1.74 -4.39
CA TYR A 294 30.03 1.44 -3.77
C TYR A 294 29.74 -0.03 -3.67
N CYS A 295 30.62 -0.75 -2.99
CA CYS A 295 30.35 -2.13 -2.66
C CYS A 295 31.12 -2.53 -1.43
N PHE A 296 31.25 -1.59 -0.52
CA PHE A 296 31.98 -1.84 0.69
C PHE A 296 31.08 -1.97 1.90
N SER A 297 31.41 -2.97 2.71
CA SER A 297 30.67 -3.19 3.93
C SER A 297 29.23 -3.63 3.58
N GLU A 298 28.26 -3.26 4.43
CA GLU A 298 26.83 -3.45 4.18
C GLU A 298 26.07 -2.20 4.57
N MET A 299 25.28 -1.69 3.63
CA MET A 299 24.40 -0.56 3.87
C MET A 299 23.08 -1.10 4.42
N ALA A 300 22.76 -0.73 5.65
CA ALA A 300 21.54 -1.19 6.32
C ALA A 300 20.27 -1.18 5.42
N PRO A 301 20.03 -0.07 4.68
CA PRO A 301 18.83 -0.05 3.80
C PRO A 301 18.92 -1.05 2.68
N VAL A 302 20.10 -1.40 2.22
CA VAL A 302 20.18 -2.47 1.20
C VAL A 302 19.78 -3.84 1.81
N CYS A 303 20.25 -4.17 3.02
CA CYS A 303 19.81 -5.38 3.77
C CYS A 303 18.30 -5.50 3.86
N ALA A 304 17.67 -4.37 4.22
CA ALA A 304 16.21 -4.27 4.31
C ALA A 304 15.60 -4.59 2.94
N VAL A 305 16.05 -3.94 1.89
CA VAL A 305 15.42 -4.22 0.64
C VAL A 305 15.56 -5.69 0.22
N VAL A 306 16.79 -6.17 0.18
CA VAL A 306 17.12 -7.49 -0.34
C VAL A 306 16.54 -8.56 0.58
N GLY A 307 16.56 -8.29 1.87
CA GLY A 307 15.94 -9.17 2.83
C GLY A 307 14.44 -9.18 2.73
N GLY A 308 13.83 -8.05 2.40
CA GLY A 308 12.40 -8.02 2.05
C GLY A 308 12.10 -8.93 0.88
N ILE A 309 12.78 -8.74 -0.24
CA ILE A 309 12.57 -9.59 -1.41
C ILE A 309 12.85 -11.10 -1.16
N LEU A 310 14.04 -11.41 -0.69
CA LEU A 310 14.38 -12.79 -0.46
C LEU A 310 13.41 -13.42 0.49
N ALA A 311 13.20 -12.81 1.64
CA ALA A 311 12.22 -13.38 2.57
C ALA A 311 10.90 -13.74 1.88
N GLN A 312 10.43 -12.84 1.01
CA GLN A 312 9.17 -13.02 0.34
C GLN A 312 9.27 -14.13 -0.68
N GLU A 313 10.40 -14.24 -1.39
CA GLU A 313 10.64 -15.42 -2.21
C GLU A 313 10.55 -16.68 -1.42
N ILE A 314 11.11 -16.73 -0.22
CA ILE A 314 11.02 -17.94 0.54
C ILE A 314 9.54 -18.25 0.92
N VAL A 315 8.81 -17.22 1.37
CA VAL A 315 7.41 -17.42 1.76
C VAL A 315 6.66 -18.04 0.59
N LYS A 316 6.86 -17.46 -0.59
CA LYS A 316 6.23 -17.89 -1.81
C LYS A 316 6.57 -19.37 -2.07
N ALA A 317 7.86 -19.69 -1.96
CA ALA A 317 8.30 -21.06 -2.11
C ALA A 317 7.61 -22.08 -1.18
N LEU A 318 7.41 -21.77 0.09
CA LEU A 318 6.87 -22.72 1.05
C LEU A 318 5.39 -22.91 0.96
N SER A 319 4.71 -21.83 0.61
CA SER A 319 3.25 -21.87 0.52
C SER A 319 2.84 -22.25 -0.89
N GLN A 320 3.80 -22.34 -1.80
CA GLN A 320 3.53 -22.78 -3.17
C GLN A 320 2.43 -21.96 -3.80
N ARG A 321 2.39 -20.68 -3.43
CA ARG A 321 1.47 -19.72 -4.01
C ARG A 321 2.28 -18.61 -4.73
N ASP A 322 1.96 -18.37 -6.01
CA ASP A 322 2.48 -17.24 -6.82
C ASP A 322 3.79 -17.64 -7.54
N PRO A 323 4.08 -17.04 -8.70
CA PRO A 323 5.32 -17.49 -9.33
C PRO A 323 6.58 -16.98 -8.61
N PRO A 324 7.55 -17.88 -8.38
CA PRO A 324 8.82 -17.50 -7.80
C PRO A 324 9.73 -17.02 -8.91
N HIS A 325 10.54 -16.01 -8.62
CA HIS A 325 11.41 -15.41 -9.62
C HIS A 325 12.51 -16.36 -10.06
N ASN A 326 12.60 -16.51 -11.40
CA ASN A 326 13.63 -17.39 -12.00
C ASN A 326 15.09 -16.95 -11.89
N ASN A 327 15.77 -17.78 -11.08
CA ASN A 327 16.95 -17.62 -10.27
C ASN A 327 17.59 -16.39 -9.63
N PHE A 328 17.91 -15.31 -10.32
CA PHE A 328 18.62 -14.22 -9.61
C PHE A 328 17.89 -12.90 -9.40
N PHE A 329 18.07 -12.29 -8.26
CA PHE A 329 17.60 -10.94 -8.13
C PHE A 329 18.81 -10.04 -7.91
N PHE A 330 18.97 -8.97 -8.68
CA PHE A 330 20.07 -8.03 -8.44
C PHE A 330 19.56 -6.65 -8.09
N PHE A 331 19.96 -6.13 -6.95
CA PHE A 331 19.51 -4.81 -6.55
C PHE A 331 20.66 -3.83 -6.59
N ASP A 332 20.42 -2.70 -7.23
CA ASP A 332 21.41 -1.64 -7.24
C ASP A 332 20.87 -0.44 -6.48
N GLY A 333 21.43 -0.26 -5.30
CA GLY A 333 20.89 0.70 -4.39
C GLY A 333 21.18 2.13 -4.76
N MET A 334 22.02 2.37 -5.77
CA MET A 334 22.29 3.75 -6.26
C MET A 334 21.26 4.14 -7.30
N LYS A 335 21.00 3.21 -8.22
CA LYS A 335 20.11 3.47 -9.32
C LYS A 335 18.66 3.21 -8.90
N GLY A 336 18.48 2.45 -7.82
CA GLY A 336 17.14 1.95 -7.44
C GLY A 336 16.60 0.89 -8.41
N ASN A 337 17.51 0.13 -9.01
CA ASN A 337 17.15 -1.00 -9.85
C ASN A 337 17.05 -2.32 -9.13
N GLY A 338 16.03 -3.05 -9.50
CA GLY A 338 15.92 -4.41 -9.10
C GLY A 338 15.62 -5.24 -10.30
N ILE A 339 16.58 -6.07 -10.69
CA ILE A 339 16.48 -6.89 -11.89
C ILE A 339 16.36 -8.35 -11.52
N VAL A 340 15.61 -9.06 -12.32
CA VAL A 340 15.45 -10.48 -12.18
C VAL A 340 15.93 -11.23 -13.42
N GLU A 341 17.01 -12.00 -13.26
CA GLU A 341 17.74 -12.66 -14.37
C GLU A 341 17.58 -14.17 -14.33
N CYS A 342 17.36 -14.78 -15.49
CA CYS A 342 17.36 -16.22 -15.61
C CYS A 342 18.67 -16.68 -16.22
N LEU A 343 19.54 -17.26 -15.38
CA LEU A 343 20.95 -17.48 -15.74
C LEU A 343 21.43 -18.90 -15.40
N GLY A 344 21.44 -19.81 -16.38
CA GLY A 344 21.85 -21.20 -16.10
C GLY A 344 21.47 -22.30 -17.10
N PRO A 345 20.22 -22.27 -17.64
CA PRO A 345 19.80 -23.28 -18.64
C PRO A 345 20.41 -23.12 -20.04
N ARG B 25 28.37 6.67 8.38
CA ARG B 25 29.50 5.83 8.89
C ARG B 25 30.26 5.19 7.72
N GLY B 26 29.54 4.40 6.91
CA GLY B 26 30.04 3.91 5.63
C GLY B 26 29.72 4.86 4.49
N LEU B 27 29.20 6.05 4.83
CA LEU B 27 28.85 7.11 3.86
C LEU B 27 29.87 8.25 3.85
N PRO B 28 30.04 8.95 2.67
CA PRO B 28 31.11 9.94 2.44
C PRO B 28 31.03 11.19 3.31
N ARG B 29 32.19 11.65 3.81
CA ARG B 29 32.42 12.86 4.67
C ARG B 29 31.21 13.81 4.87
N GLU B 30 30.85 14.51 3.79
CA GLU B 30 29.75 15.46 3.74
C GLU B 30 28.45 14.89 4.29
N LEU B 31 28.08 13.73 3.73
CA LEU B 31 26.80 13.08 3.98
C LEU B 31 26.63 12.57 5.39
N ALA B 32 27.66 11.94 5.95
CA ALA B 32 27.58 11.32 7.28
C ALA B 32 27.54 12.37 8.38
N GLU B 33 28.22 13.49 8.15
CA GLU B 33 28.11 14.61 9.10
C GLU B 33 26.72 15.26 8.99
N ALA B 34 26.25 15.44 7.76
CA ALA B 34 24.89 15.96 7.47
C ALA B 34 23.76 15.17 8.14
N VAL B 35 24.00 13.87 8.33
CA VAL B 35 23.04 12.91 8.93
C VAL B 35 23.10 12.89 10.46
N ALA B 36 24.30 13.04 11.02
CA ALA B 36 24.45 13.24 12.47
C ALA B 36 24.09 14.68 12.78
N GLY B 37 24.25 15.54 11.76
CA GLY B 37 23.95 16.97 11.84
C GLY B 37 22.46 17.27 11.87
N GLY B 38 21.78 16.83 10.80
CA GLY B 38 20.35 17.10 10.61
C GLY B 38 19.37 16.49 11.60
N ARG B 39 18.17 17.05 11.63
CA ARG B 39 17.01 16.45 12.29
C ARG B 39 16.04 15.95 11.14
N VAL B 40 15.49 14.75 11.34
CA VAL B 40 14.50 14.21 10.41
C VAL B 40 13.18 13.89 11.12
N LEU B 41 12.10 14.02 10.34
CA LEU B 41 10.73 13.68 10.78
C LEU B 41 10.15 12.47 10.04
N VAL B 42 9.74 11.45 10.82
CA VAL B 42 9.03 10.30 10.26
C VAL B 42 7.62 10.43 10.76
N VAL B 43 6.70 10.77 9.84
CA VAL B 43 5.27 10.85 10.14
C VAL B 43 4.56 9.48 10.01
N GLY B 44 4.23 8.87 11.14
CA GLY B 44 3.53 7.59 11.16
C GLY B 44 4.53 6.52 11.57
N ALA B 45 4.07 5.59 12.42
CA ALA B 45 4.84 4.50 13.00
C ALA B 45 4.20 3.12 12.91
N GLY B 46 3.61 2.77 11.75
CA GLY B 46 3.12 1.41 11.51
C GLY B 46 4.14 0.57 10.77
N GLY B 47 3.68 -0.09 9.69
CA GLY B 47 4.49 -0.95 8.81
C GLY B 47 5.70 -0.28 8.19
N ILE B 48 5.46 0.70 7.35
CA ILE B 48 6.55 1.50 6.81
C ILE B 48 7.33 2.12 7.98
N GLY B 49 6.60 2.63 8.98
CA GLY B 49 7.12 3.32 10.16
C GLY B 49 8.25 2.69 10.97
N CYS B 50 7.97 1.63 11.71
CA CYS B 50 9.00 0.91 12.42
C CYS B 50 10.14 0.58 11.50
N GLU B 51 9.85 0.00 10.33
CA GLU B 51 10.88 -0.31 9.38
C GLU B 51 11.80 0.88 9.07
N LEU B 52 11.22 2.04 8.74
CA LEU B 52 11.98 3.25 8.53
C LEU B 52 12.88 3.67 9.70
N LEU B 53 12.31 3.68 10.92
CA LEU B 53 13.02 4.16 12.08
C LEU B 53 14.32 3.32 12.24
N LYS B 54 14.16 2.01 12.15
CA LYS B 54 15.27 1.12 12.23
C LYS B 54 16.30 1.47 11.19
N ASN B 55 15.93 1.50 9.93
CA ASN B 55 16.92 1.87 8.89
C ASN B 55 17.59 3.21 9.11
N LEU B 56 16.86 4.20 9.66
CA LEU B 56 17.41 5.53 9.68
C LEU B 56 18.53 5.48 10.73
N VAL B 57 18.23 4.91 11.91
CA VAL B 57 19.29 4.75 12.90
C VAL B 57 20.43 3.85 12.39
N LEU B 58 20.17 2.66 11.85
CA LEU B 58 21.30 1.82 11.41
C LEU B 58 22.12 2.46 10.31
N THR B 59 21.51 3.40 9.61
CA THR B 59 22.25 4.11 8.59
C THR B 59 23.03 5.23 9.27
N GLY B 60 22.75 5.43 10.56
CA GLY B 60 23.37 6.47 11.38
C GLY B 60 22.69 7.83 11.37
N PHE B 61 21.36 7.86 11.52
CA PHE B 61 20.64 9.14 11.57
C PHE B 61 20.57 9.31 13.04
N SER B 62 21.24 10.35 13.54
CA SER B 62 21.34 10.53 15.00
C SER B 62 20.12 11.25 15.56
N HIS B 63 19.67 12.30 14.88
CA HIS B 63 18.45 13.01 15.31
C HIS B 63 17.14 12.72 14.52
N ILE B 64 16.20 12.07 15.22
CA ILE B 64 14.92 11.61 14.65
C ILE B 64 13.68 11.93 15.49
N ASP B 65 12.74 12.66 14.87
CA ASP B 65 11.38 12.88 15.37
C ASP B 65 10.34 11.85 14.83
N LEU B 66 9.44 11.41 15.70
CA LEU B 66 8.56 10.31 15.36
C LEU B 66 7.15 10.63 15.82
N ILE B 67 6.16 10.55 14.93
CA ILE B 67 4.80 10.87 15.38
C ILE B 67 3.76 9.86 14.87
N ASP B 68 2.88 9.38 15.75
CA ASP B 68 1.75 8.53 15.40
C ASP B 68 0.63 8.93 16.37
N LEU B 69 -0.62 8.88 15.91
CA LEU B 69 -1.73 9.29 16.75
C LEU B 69 -2.36 8.09 17.33
N ASP B 70 -1.63 6.99 17.35
CA ASP B 70 -2.31 5.72 17.63
C ASP B 70 -1.64 4.80 18.62
N THR B 71 -2.47 3.91 19.19
CA THR B 71 -1.94 2.91 20.10
C THR B 71 -1.73 1.62 19.33
N ILE B 72 -1.11 0.65 20.00
CA ILE B 72 -0.85 -0.68 19.43
C ILE B 72 -2.03 -1.62 19.58
N ASP B 73 -2.17 -2.50 18.59
CA ASP B 73 -3.33 -3.28 18.35
C ASP B 73 -2.73 -4.57 17.88
N VAL B 74 -3.36 -5.70 18.18
CA VAL B 74 -2.85 -7.03 17.76
C VAL B 74 -2.67 -7.31 16.23
N SER B 75 -3.65 -6.95 15.40
CA SER B 75 -3.46 -7.07 13.95
C SER B 75 -2.16 -6.37 13.40
N ASN B 76 -1.55 -5.46 14.17
CA ASN B 76 -0.27 -4.84 13.82
C ASN B 76 0.94 -5.80 13.90
N LEU B 77 0.81 -6.86 14.69
CA LEU B 77 1.96 -7.61 15.10
C LEU B 77 2.65 -8.45 14.02
N ASN B 78 2.06 -8.53 12.84
CA ASN B 78 2.68 -9.25 11.73
C ASN B 78 3.60 -8.39 10.85
N ARG B 79 3.72 -7.08 11.11
CA ARG B 79 4.52 -6.19 10.25
C ARG B 79 5.13 -4.97 10.92
N GLN B 80 4.92 -4.80 12.22
CA GLN B 80 5.40 -3.62 12.95
C GLN B 80 6.29 -4.17 14.08
N PHE B 81 7.49 -4.50 13.67
CA PHE B 81 8.29 -5.45 14.39
C PHE B 81 8.82 -4.95 15.73
N LEU B 82 9.03 -3.64 15.87
CA LEU B 82 9.23 -3.01 17.18
C LEU B 82 8.16 -3.26 18.29
N PHE B 83 6.98 -3.84 17.99
CA PHE B 83 5.92 -3.98 19.01
C PHE B 83 5.54 -5.45 19.30
N GLN B 84 5.47 -5.87 20.58
CA GLN B 84 5.04 -7.26 20.94
C GLN B 84 3.69 -7.26 21.63
N LYS B 85 3.05 -8.42 21.70
CA LYS B 85 1.74 -8.52 22.36
C LYS B 85 1.69 -7.80 23.71
N LYS B 86 2.77 -7.84 24.50
CA LYS B 86 2.80 -7.12 25.79
C LYS B 86 2.50 -5.61 25.66
N HIS B 87 2.73 -5.08 24.45
CA HIS B 87 2.58 -3.66 24.17
C HIS B 87 1.18 -3.20 23.70
N VAL B 88 0.22 -4.11 23.54
CA VAL B 88 -1.12 -3.69 23.10
C VAL B 88 -1.70 -2.58 23.99
N GLY B 89 -2.08 -1.45 23.37
CA GLY B 89 -2.79 -0.38 24.01
C GLY B 89 -1.88 0.79 24.32
N ARG B 90 -0.60 0.62 24.10
CA ARG B 90 0.33 1.74 24.34
C ARG B 90 0.55 2.54 23.05
N SER B 91 1.27 3.66 23.14
CA SER B 91 1.44 4.53 22.01
C SER B 91 2.42 3.93 21.01
N LYS B 92 2.05 3.94 19.73
CA LYS B 92 2.92 3.40 18.70
C LYS B 92 4.26 4.11 18.68
N ALA B 93 4.23 5.44 18.70
CA ALA B 93 5.45 6.25 18.72
C ALA B 93 6.40 5.95 19.93
N GLN B 94 5.85 5.89 21.13
CA GLN B 94 6.66 5.74 22.34
C GLN B 94 7.30 4.40 22.42
N VAL B 95 6.47 3.35 22.39
CA VAL B 95 6.96 1.98 22.32
C VAL B 95 8.01 1.81 21.21
N ALA B 96 7.84 2.55 20.10
CA ALA B 96 8.78 2.39 19.00
C ALA B 96 10.15 2.85 19.41
N LYS B 97 10.17 3.97 20.15
CA LYS B 97 11.40 4.59 20.65
C LYS B 97 12.04 3.69 21.71
N GLU B 98 11.26 3.29 22.72
CA GLU B 98 11.72 2.27 23.68
C GLU B 98 12.47 1.13 23.00
N SER B 99 11.89 0.60 21.92
CA SER B 99 12.41 -0.62 21.31
C SER B 99 13.74 -0.41 20.55
N VAL B 100 13.88 0.72 19.85
CA VAL B 100 15.12 1.08 19.17
C VAL B 100 16.21 1.24 20.21
N LEU B 101 15.84 1.92 21.30
CA LEU B 101 16.73 2.27 22.37
C LEU B 101 17.38 1.02 22.94
N GLN B 102 16.61 -0.03 23.22
CA GLN B 102 17.24 -1.23 23.67
C GLN B 102 18.36 -1.66 22.74
N PHE B 103 18.19 -1.58 21.43
CA PHE B 103 19.34 -2.04 20.61
C PHE B 103 20.41 -0.95 20.37
N TYR B 104 20.02 0.30 20.53
CA TYR B 104 20.96 1.35 20.25
C TYR B 104 20.64 2.60 21.04
N PRO B 105 21.00 2.62 22.35
CA PRO B 105 20.50 3.69 23.25
C PRO B 105 21.22 5.02 23.04
N LYS B 106 22.25 5.00 22.19
CA LYS B 106 22.90 6.19 21.66
C LYS B 106 21.86 7.10 21.01
N ALA B 107 21.15 6.54 20.02
CA ALA B 107 20.22 7.26 19.13
C ALA B 107 19.31 8.32 19.78
N ASN B 108 19.14 9.45 19.09
CA ASN B 108 18.21 10.48 19.53
C ASN B 108 16.83 10.39 18.89
N ILE B 109 15.80 10.17 19.70
CA ILE B 109 14.43 10.14 19.18
C ILE B 109 13.44 10.92 20.07
N VAL B 110 12.83 11.96 19.52
CA VAL B 110 11.68 12.58 20.15
C VAL B 110 10.36 11.97 19.56
N ALA B 111 9.47 11.53 20.44
CA ALA B 111 8.31 10.74 20.12
C ALA B 111 7.03 11.41 20.52
N TYR B 112 6.30 11.94 19.55
CA TYR B 112 4.99 12.52 19.77
C TYR B 112 3.84 11.55 19.49
N HIS B 113 2.87 11.46 20.42
CA HIS B 113 1.67 10.60 20.29
C HIS B 113 0.39 11.44 20.14
N ASP B 114 -0.02 11.63 18.88
CA ASP B 114 -0.74 12.81 18.43
C ASP B 114 -0.89 12.78 16.90
N SER B 115 -1.91 13.46 16.38
CA SER B 115 -2.09 13.56 14.95
C SER B 115 -1.22 14.68 14.43
N ILE B 116 -0.51 14.51 13.31
CA ILE B 116 0.27 15.65 12.79
C ILE B 116 -0.62 16.81 12.37
N MET B 117 -1.93 16.62 12.37
CA MET B 117 -2.83 17.71 12.06
C MET B 117 -3.02 18.65 13.25
N ASN B 118 -2.70 18.16 14.44
CA ASN B 118 -2.67 18.96 15.65
C ASN B 118 -1.90 20.29 15.45
N PRO B 119 -2.54 21.42 15.81
CA PRO B 119 -2.06 22.80 15.65
C PRO B 119 -0.62 23.00 16.15
N ASP B 120 -0.14 22.14 17.03
CA ASP B 120 1.25 22.31 17.42
C ASP B 120 2.24 21.89 16.36
N TYR B 121 1.85 21.32 15.23
CA TYR B 121 2.90 21.02 14.29
C TYR B 121 2.99 22.05 13.19
N ASN B 122 3.25 23.30 13.58
CA ASN B 122 3.16 24.39 12.64
C ASN B 122 4.35 24.45 11.71
N VAL B 123 4.36 25.43 10.81
CA VAL B 123 5.44 25.66 9.86
C VAL B 123 6.79 25.71 10.55
N GLU B 124 6.83 26.41 11.69
CA GLU B 124 8.09 26.62 12.42
C GLU B 124 8.64 25.25 12.73
N PHE B 125 7.76 24.42 13.29
CA PHE B 125 8.15 23.08 13.69
C PHE B 125 8.80 22.38 12.47
N PHE B 126 8.06 22.28 11.35
CA PHE B 126 8.62 21.61 10.14
C PHE B 126 9.92 22.18 9.68
N ARG B 127 10.15 23.45 10.01
CA ARG B 127 11.37 24.10 9.52
C ARG B 127 12.68 23.57 10.09
N GLN B 128 12.60 22.89 11.25
CA GLN B 128 13.80 22.29 11.80
C GLN B 128 14.39 21.16 10.97
N PHE B 129 13.53 20.37 10.31
CA PHE B 129 13.97 19.16 9.67
C PHE B 129 14.69 19.42 8.38
N ILE B 130 15.62 18.53 8.03
CA ILE B 130 16.24 18.54 6.70
C ILE B 130 15.48 17.62 5.75
N LEU B 131 14.77 16.68 6.37
CA LEU B 131 13.96 15.76 5.61
C LEU B 131 12.78 15.37 6.47
N VAL B 132 11.62 15.30 5.78
CA VAL B 132 10.40 14.67 6.29
C VAL B 132 10.05 13.45 5.46
N MET B 133 9.75 12.36 6.13
CA MET B 133 9.34 11.10 5.50
C MET B 133 7.91 10.71 5.91
N ASN B 134 6.98 10.59 4.97
CA ASN B 134 5.69 9.95 5.25
C ASN B 134 5.74 8.46 5.45
N ALA B 135 5.01 8.01 6.46
CA ALA B 135 4.77 6.56 6.75
C ALA B 135 3.31 6.41 7.10
N LEU B 136 2.42 7.01 6.30
CA LEU B 136 1.02 7.12 6.63
C LEU B 136 0.09 6.06 5.94
N ASP B 137 -1.18 6.04 6.30
CA ASP B 137 -2.10 5.08 5.67
C ASP B 137 -3.36 5.74 5.18
N ASN B 138 -3.34 7.05 4.92
CA ASN B 138 -4.51 7.79 4.46
C ASN B 138 -4.13 9.00 3.64
N ARG B 139 -5.06 9.51 2.86
CA ARG B 139 -4.76 10.62 1.98
C ARG B 139 -4.87 11.96 2.70
N ALA B 140 -5.65 12.02 3.78
CA ALA B 140 -5.88 13.32 4.44
C ALA B 140 -4.60 13.83 5.10
N ALA B 141 -3.93 12.95 5.82
CA ALA B 141 -2.73 13.30 6.54
C ALA B 141 -1.68 13.57 5.49
N ARG B 142 -1.70 12.83 4.39
CA ARG B 142 -0.67 13.12 3.37
C ARG B 142 -0.93 14.47 2.73
N ASN B 143 -2.20 14.88 2.60
CA ASN B 143 -2.42 16.14 1.96
C ASN B 143 -1.97 17.26 2.86
N HIS B 144 -2.12 17.06 4.17
CA HIS B 144 -1.64 17.99 5.12
C HIS B 144 -0.11 18.09 5.15
N VAL B 145 0.56 16.95 5.39
CA VAL B 145 2.01 16.92 5.42
C VAL B 145 2.57 17.51 4.09
N ASN B 146 2.02 17.13 2.95
CA ASN B 146 2.43 17.77 1.67
C ASN B 146 2.47 19.30 1.81
N ARG B 147 1.47 19.85 2.48
CA ARG B 147 1.33 21.27 2.55
C ARG B 147 2.30 21.91 3.52
N MET B 148 2.46 21.30 4.69
CA MET B 148 3.44 21.73 5.64
C MET B 148 4.86 21.82 5.05
N CYS B 149 5.23 20.87 4.20
CA CYS B 149 6.59 20.86 3.64
C CYS B 149 6.77 21.85 2.45
N LEU B 150 5.67 22.29 1.87
CA LEU B 150 5.75 23.28 0.80
C LEU B 150 5.97 24.56 1.52
N ALA B 151 5.26 24.68 2.64
CA ALA B 151 5.30 25.86 3.47
C ALA B 151 6.61 26.03 4.25
N ALA B 152 7.20 24.92 4.69
CA ALA B 152 8.41 25.02 5.47
C ALA B 152 9.58 24.89 4.52
N ASP B 153 9.28 24.72 3.22
CA ASP B 153 10.33 24.44 2.22
C ASP B 153 11.31 23.33 2.70
N VAL B 154 10.87 22.10 2.64
CA VAL B 154 11.64 20.99 3.15
C VAL B 154 11.29 19.90 2.19
N PRO B 155 12.31 19.20 1.66
CA PRO B 155 11.96 17.99 0.89
C PRO B 155 11.24 16.95 1.76
N LEU B 156 10.32 16.25 1.11
CA LEU B 156 9.53 15.16 1.69
C LEU B 156 9.65 13.98 0.74
N ILE B 157 9.82 12.83 1.32
CA ILE B 157 9.67 11.60 0.61
C ILE B 157 8.35 10.94 0.98
N GLU B 158 7.57 10.65 -0.05
CA GLU B 158 6.20 10.13 0.11
C GLU B 158 6.28 8.67 -0.26
N SER B 159 5.44 7.83 0.31
CA SER B 159 5.52 6.42 0.00
C SER B 159 4.20 5.67 0.31
N GLY B 160 4.07 4.41 -0.10
CA GLY B 160 2.79 3.74 0.20
C GLY B 160 2.88 2.28 -0.07
N THR B 161 2.14 1.48 0.69
CA THR B 161 2.18 0.06 0.39
C THR B 161 0.72 -0.45 0.37
N ALA B 162 0.53 -1.60 -0.31
CA ALA B 162 -0.65 -2.42 -0.15
C ALA B 162 -0.33 -3.80 -0.70
N GLY B 163 -0.52 -4.84 0.11
CA GLY B 163 -0.27 -6.21 -0.30
C GLY B 163 1.16 -6.42 -0.76
N TYR B 164 1.30 -6.91 -1.98
CA TYR B 164 2.63 -7.06 -2.50
C TYR B 164 3.16 -5.80 -3.15
N LEU B 165 2.40 -4.69 -3.20
CA LEU B 165 2.92 -3.51 -3.96
C LEU B 165 3.25 -2.26 -3.13
N GLY B 166 4.03 -1.35 -3.67
CA GLY B 166 4.09 0.02 -3.16
C GLY B 166 5.11 0.84 -3.89
N GLN B 167 5.32 2.08 -3.45
CA GLN B 167 6.17 3.00 -4.16
C GLN B 167 6.75 4.02 -3.21
N VAL B 168 7.80 4.65 -3.71
CA VAL B 168 8.47 5.71 -3.02
C VAL B 168 8.70 6.82 -4.03
N THR B 169 8.62 8.08 -3.59
CA THR B 169 8.98 9.23 -4.44
C THR B 169 9.41 10.41 -3.62
N THR B 170 10.08 11.34 -4.28
CA THR B 170 10.57 12.53 -3.66
C THR B 170 9.71 13.74 -4.12
N ILE B 171 9.43 14.67 -3.22
CA ILE B 171 8.71 15.90 -3.52
C ILE B 171 9.58 17.08 -3.05
N LYS B 172 9.83 18.06 -3.93
CA LYS B 172 10.74 19.18 -3.63
C LYS B 172 10.16 20.46 -4.23
N LYS B 173 9.75 21.36 -3.35
CA LYS B 173 9.21 22.64 -3.74
C LYS B 173 10.11 23.32 -4.75
N GLY B 174 9.50 23.63 -5.91
CA GLY B 174 10.18 24.31 -7.00
C GLY B 174 10.73 23.35 -7.98
N VAL B 175 10.94 22.10 -7.58
CA VAL B 175 11.59 21.15 -8.49
C VAL B 175 10.68 20.11 -9.11
N THR B 176 9.93 19.40 -8.26
CA THR B 176 9.09 18.24 -8.66
C THR B 176 7.64 18.63 -8.45
N GLU B 177 6.73 17.83 -8.99
CA GLU B 177 5.31 18.01 -8.65
C GLU B 177 5.08 17.76 -7.15
N CYS B 178 4.01 18.30 -6.55
CA CYS B 178 3.65 18.04 -5.13
C CYS B 178 2.67 16.86 -5.01
N TYR B 179 2.36 16.42 -3.79
CA TYR B 179 1.49 15.25 -3.61
C TYR B 179 0.14 15.35 -4.35
N GLU B 180 -0.33 16.56 -4.61
CA GLU B 180 -1.67 16.83 -5.06
C GLU B 180 -1.64 17.50 -6.44
N CYS B 181 -0.48 17.54 -7.08
CA CYS B 181 -0.42 18.02 -8.47
C CYS B 181 -1.34 17.20 -9.35
N HIS B 182 -1.48 15.93 -8.98
CA HIS B 182 -2.37 15.02 -9.67
C HIS B 182 -3.45 14.38 -8.80
N PRO B 183 -4.71 14.47 -9.29
CA PRO B 183 -5.89 13.98 -8.57
C PRO B 183 -5.63 12.54 -8.22
N LYS B 184 -5.94 12.13 -7.01
CA LYS B 184 -5.78 10.74 -6.67
C LYS B 184 -7.17 10.05 -6.59
N PRO B 185 -7.21 8.76 -6.24
CA PRO B 185 -8.61 8.29 -6.09
C PRO B 185 -9.36 8.92 -4.87
N THR B 186 -10.66 9.22 -5.04
CA THR B 186 -11.54 9.54 -3.89
C THR B 186 -12.13 8.25 -3.33
N GLN B 187 -12.49 8.32 -2.05
CA GLN B 187 -13.27 7.26 -1.44
C GLN B 187 -14.61 7.01 -2.19
N ARG B 188 -14.92 5.73 -2.41
CA ARG B 188 -16.11 5.32 -3.19
C ARG B 188 -17.42 5.79 -2.53
N THR B 189 -18.29 6.35 -3.36
CA THR B 189 -19.48 7.04 -2.85
C THR B 189 -20.73 6.44 -3.51
N PHE B 190 -21.79 6.21 -2.73
CA PHE B 190 -23.00 5.64 -3.30
C PHE B 190 -24.17 6.57 -3.19
N PRO B 191 -24.89 6.73 -4.30
CA PRO B 191 -26.16 7.44 -4.36
C PRO B 191 -27.14 7.02 -3.25
N GLY B 192 -27.68 7.99 -2.53
CA GLY B 192 -28.60 7.73 -1.45
C GLY B 192 -29.71 6.73 -1.80
N CYS B 193 -30.32 6.89 -2.98
CA CYS B 193 -31.44 6.02 -3.42
C CYS B 193 -31.04 4.58 -3.61
N THR B 194 -29.80 4.39 -4.02
CA THR B 194 -29.28 3.08 -4.12
C THR B 194 -29.13 2.41 -2.77
N ILE B 195 -28.77 3.16 -1.74
CA ILE B 195 -28.58 2.60 -0.41
C ILE B 195 -29.94 2.36 0.28
N ARG B 196 -30.85 3.33 0.19
CA ARG B 196 -32.09 3.24 0.91
C ARG B 196 -33.21 2.48 0.19
N ASN B 197 -33.20 2.40 -1.14
CA ASN B 197 -34.29 1.83 -1.84
C ASN B 197 -33.96 0.55 -2.65
N THR B 198 -32.95 0.63 -3.48
CA THR B 198 -32.64 -0.38 -4.50
C THR B 198 -31.20 -0.85 -4.45
N PRO B 199 -30.76 -1.42 -3.33
CA PRO B 199 -29.45 -2.04 -3.34
C PRO B 199 -29.38 -3.23 -4.33
N SER B 200 -28.19 -3.54 -4.87
CA SER B 200 -28.03 -4.57 -5.89
C SER B 200 -26.68 -5.24 -5.73
N GLU B 201 -25.82 -4.73 -4.82
CA GLU B 201 -24.57 -5.42 -4.43
C GLU B 201 -24.28 -5.53 -2.88
N PRO B 202 -23.51 -6.54 -2.47
CA PRO B 202 -23.33 -6.61 -1.00
C PRO B 202 -22.78 -5.28 -0.40
N ILE B 203 -21.93 -4.58 -1.13
CA ILE B 203 -21.36 -3.31 -0.62
C ILE B 203 -22.51 -2.31 -0.26
N HIS B 204 -23.60 -2.28 -1.05
CA HIS B 204 -24.75 -1.42 -0.72
C HIS B 204 -25.41 -1.84 0.64
N CYS B 205 -25.35 -3.13 0.98
CA CYS B 205 -26.04 -3.58 2.14
C CYS B 205 -25.18 -3.28 3.34
N ILE B 206 -23.88 -3.41 3.17
CA ILE B 206 -22.92 -3.13 4.22
C ILE B 206 -22.87 -1.61 4.46
N VAL B 207 -22.90 -0.80 3.40
CA VAL B 207 -22.97 0.66 3.60
C VAL B 207 -24.25 1.06 4.32
N TRP B 208 -25.36 0.41 3.95
CA TRP B 208 -26.66 0.57 4.69
C TRP B 208 -26.50 0.25 6.19
N ALA B 209 -25.77 -0.83 6.53
CA ALA B 209 -25.65 -1.30 7.94
C ALA B 209 -24.77 -0.33 8.75
N LYS B 210 -23.75 0.21 8.11
CA LYS B 210 -22.93 1.28 8.74
C LYS B 210 -23.75 2.51 9.02
N TYR B 211 -24.54 2.93 8.03
CA TYR B 211 -25.37 4.13 8.22
C TYR B 211 -26.36 3.83 9.34
N LEU B 212 -26.96 2.65 9.34
CA LEU B 212 -27.92 2.39 10.39
C LEU B 212 -27.24 2.48 11.79
N PHE B 213 -26.05 1.91 11.89
CA PHE B 213 -25.35 1.94 13.14
C PHE B 213 -25.17 3.38 13.53
N ASN B 214 -24.83 4.19 12.53
CA ASN B 214 -24.67 5.58 12.78
C ASN B 214 -25.96 6.30 13.19
N GLN B 215 -27.10 6.00 12.57
CA GLN B 215 -28.33 6.57 13.06
C GLN B 215 -28.64 6.14 14.49
N LEU B 216 -28.33 4.92 14.87
CA LEU B 216 -28.90 4.42 16.11
C LEU B 216 -28.02 4.77 17.23
N PHE B 217 -26.72 4.67 17.02
CA PHE B 217 -25.69 4.73 18.06
C PHE B 217 -24.62 5.83 17.88
N GLY B 218 -24.51 6.37 16.67
CA GLY B 218 -23.51 7.39 16.45
C GLY B 218 -24.15 8.75 16.40
N GLU B 219 -23.55 9.67 15.64
CA GLU B 219 -24.08 10.99 15.47
C GLU B 219 -25.13 11.11 14.38
N GLU B 220 -26.38 11.24 14.75
CA GLU B 220 -27.38 11.26 13.71
C GLU B 220 -26.97 12.22 12.56
N ASP B 221 -27.20 11.78 11.33
CA ASP B 221 -26.68 12.47 10.17
C ASP B 221 -27.69 12.32 9.06
N ALA B 222 -28.22 13.41 8.54
CA ALA B 222 -29.32 13.26 7.59
C ALA B 222 -28.91 12.64 6.24
N ASP B 223 -27.63 12.77 5.87
CA ASP B 223 -27.09 12.24 4.62
C ASP B 223 -27.00 10.69 4.71
N GLN B 224 -27.27 10.18 5.93
CA GLN B 224 -27.09 8.76 6.25
C GLN B 224 -28.42 8.07 6.70
N GLU B 225 -29.58 8.55 6.20
CA GLU B 225 -30.82 7.87 6.58
C GLU B 225 -30.92 6.46 5.96
N VAL B 226 -31.59 5.54 6.62
CA VAL B 226 -31.62 4.16 6.11
C VAL B 226 -33.05 3.75 5.76
N SER B 227 -33.94 4.63 6.09
CA SER B 227 -35.33 4.49 5.87
C SER B 227 -35.57 4.57 4.36
N PRO B 228 -36.67 4.01 3.85
CA PRO B 228 -36.92 4.18 2.42
C PRO B 228 -37.08 5.67 2.07
N ASP B 229 -36.57 6.06 0.91
CA ASP B 229 -36.76 7.37 0.29
C ASP B 229 -37.91 7.49 -0.70
N ARG B 230 -39.00 8.04 -0.23
CA ARG B 230 -40.20 8.30 -1.00
C ARG B 230 -39.97 9.27 -2.16
N ALA B 231 -38.95 10.11 -2.06
CA ALA B 231 -38.67 11.08 -3.10
C ALA B 231 -37.73 10.54 -4.20
N ASP B 232 -37.44 9.25 -4.23
CA ASP B 232 -36.63 8.69 -5.31
C ASP B 232 -37.35 9.03 -6.63
N PRO B 233 -36.65 9.66 -7.61
CA PRO B 233 -37.35 9.94 -8.89
C PRO B 233 -37.62 8.69 -9.74
N GLU B 234 -36.98 7.55 -9.41
CA GLU B 234 -37.25 6.33 -10.15
C GLU B 234 -38.60 5.82 -9.73
N ALA B 235 -39.10 6.40 -8.65
CA ALA B 235 -40.33 5.88 -8.12
C ALA B 235 -41.52 6.83 -8.35
N ALA B 236 -41.29 7.93 -9.05
CA ALA B 236 -42.38 8.88 -9.33
C ALA B 236 -42.89 8.79 -10.79
N TRP B 237 -44.10 9.32 -11.04
CA TRP B 237 -44.65 9.38 -12.42
C TRP B 237 -45.02 10.84 -12.81
N ILE B 255 -48.08 14.70 6.18
CA ILE B 255 -47.62 13.83 7.27
C ILE B 255 -46.19 13.23 7.01
N LYS B 256 -45.26 13.43 7.96
CA LYS B 256 -44.03 12.64 8.03
C LYS B 256 -44.32 11.16 8.46
N ARG B 257 -43.47 10.21 8.04
CA ARG B 257 -43.39 8.90 8.72
C ARG B 257 -42.25 9.00 9.72
N ILE B 258 -42.25 8.10 10.70
CA ILE B 258 -41.32 8.18 11.84
C ILE B 258 -39.87 7.79 11.48
N SER B 259 -38.88 8.71 11.61
CA SER B 259 -37.43 8.39 11.46
C SER B 259 -36.87 7.18 12.28
N THR B 260 -35.59 6.82 12.04
CA THR B 260 -35.08 5.60 12.65
C THR B 260 -34.73 5.82 14.13
N LYS B 261 -33.90 6.82 14.40
CA LYS B 261 -33.62 7.30 15.76
C LYS B 261 -34.91 7.58 16.57
N GLU B 262 -35.88 8.30 16.03
CA GLU B 262 -37.15 8.46 16.75
C GLU B 262 -37.91 7.13 17.00
N TRP B 263 -37.87 6.23 16.05
CA TRP B 263 -38.62 5.01 16.28
C TRP B 263 -37.86 4.19 17.37
N ALA B 264 -36.54 4.35 17.41
CA ALA B 264 -35.73 3.71 18.39
C ALA B 264 -36.06 4.18 19.81
N LYS B 265 -36.20 5.48 19.88
CA LYS B 265 -36.44 6.18 21.11
C LYS B 265 -37.79 5.86 21.66
N SER B 266 -38.83 5.77 20.83
CA SER B 266 -40.12 5.43 21.35
C SER B 266 -40.19 3.97 21.71
N THR B 267 -39.26 3.17 21.26
CA THR B 267 -39.39 1.78 21.71
C THR B 267 -38.30 1.45 22.71
N GLY B 268 -37.46 2.45 23.04
CA GLY B 268 -36.32 2.22 23.96
C GLY B 268 -35.32 1.22 23.41
N TYR B 269 -35.04 1.32 22.11
CA TYR B 269 -34.01 0.49 21.49
C TYR B 269 -34.23 -1.00 21.64
N ASP B 270 -35.51 -1.39 21.52
CA ASP B 270 -35.88 -2.75 21.62
C ASP B 270 -35.47 -3.49 20.36
N PRO B 271 -34.58 -4.47 20.48
CA PRO B 271 -34.08 -5.28 19.37
C PRO B 271 -35.16 -5.79 18.41
N VAL B 272 -36.27 -6.28 18.92
CA VAL B 272 -37.17 -6.99 18.07
C VAL B 272 -38.03 -6.02 17.37
N LYS B 273 -38.40 -4.93 18.02
CA LYS B 273 -39.14 -3.91 17.28
C LYS B 273 -38.28 -3.24 16.21
N LEU B 274 -36.96 -3.20 16.42
CA LEU B 274 -36.16 -2.50 15.43
C LEU B 274 -36.12 -3.43 14.21
N PHE B 275 -36.07 -4.73 14.51
CA PHE B 275 -36.02 -5.73 13.47
C PHE B 275 -37.25 -5.55 12.60
N THR B 276 -38.43 -5.54 13.24
CA THR B 276 -39.65 -5.55 12.54
C THR B 276 -39.71 -4.28 11.67
N LYS B 277 -39.40 -3.16 12.30
CA LYS B 277 -39.39 -1.85 11.61
C LYS B 277 -38.54 -1.88 10.32
N LEU B 278 -37.33 -2.39 10.41
CA LEU B 278 -36.36 -2.26 9.33
C LEU B 278 -36.49 -3.36 8.20
N PHE B 279 -36.82 -4.56 8.64
CA PHE B 279 -36.71 -5.68 7.80
C PHE B 279 -38.09 -6.14 7.45
N LYS B 280 -39.09 -5.40 7.91
CA LYS B 280 -40.40 -5.78 7.55
C LYS B 280 -41.26 -4.55 7.11
N ASP B 281 -41.49 -3.56 8.06
CA ASP B 281 -42.38 -2.47 7.76
C ASP B 281 -41.79 -1.59 6.67
N ASP B 282 -40.48 -1.39 6.72
CA ASP B 282 -39.88 -0.65 5.66
C ASP B 282 -39.95 -1.31 4.31
N ILE B 283 -39.88 -2.65 4.32
CA ILE B 283 -39.89 -3.39 3.10
C ILE B 283 -41.31 -3.33 2.54
N ARG B 284 -42.30 -3.48 3.42
CA ARG B 284 -43.68 -3.38 2.96
C ARG B 284 -43.90 -2.07 2.17
N TYR B 285 -43.27 -0.99 2.66
CA TYR B 285 -43.42 0.30 2.10
C TYR B 285 -42.75 0.41 0.71
N LEU B 286 -41.52 -0.03 0.59
CA LEU B 286 -40.86 -0.16 -0.66
C LEU B 286 -41.66 -0.80 -1.73
N LEU B 287 -42.36 -1.89 -1.33
CA LEU B 287 -43.24 -2.64 -2.25
C LEU B 287 -44.34 -1.75 -2.85
N THR B 288 -44.66 -0.70 -2.12
CA THR B 288 -45.61 0.36 -2.46
C THR B 288 -45.00 1.21 -3.62
N MET B 289 -43.68 1.20 -3.72
CA MET B 289 -43.01 2.05 -4.68
C MET B 289 -42.68 1.18 -5.82
N ASP B 290 -43.73 0.82 -6.55
CA ASP B 290 -43.67 -0.34 -7.50
C ASP B 290 -42.97 -0.03 -8.84
N LYS B 291 -42.88 1.22 -9.22
CA LYS B 291 -42.11 1.56 -10.44
C LYS B 291 -40.62 1.20 -10.28
N LEU B 292 -40.18 1.06 -9.03
CA LEU B 292 -38.85 0.51 -8.73
C LEU B 292 -38.67 -0.95 -9.12
N TRP B 293 -39.74 -1.76 -9.12
CA TRP B 293 -39.58 -3.23 -9.26
C TRP B 293 -40.10 -3.73 -10.61
N ARG B 294 -40.12 -2.83 -11.59
CA ARG B 294 -40.65 -3.17 -12.89
C ARG B 294 -39.72 -4.09 -13.55
N LYS B 295 -38.42 -3.88 -13.36
CA LYS B 295 -37.48 -4.83 -13.89
C LYS B 295 -36.67 -5.55 -12.81
N ARG B 296 -36.52 -4.98 -11.60
CA ARG B 296 -35.74 -5.69 -10.56
C ARG B 296 -36.62 -6.55 -9.66
N LYS B 297 -36.04 -7.64 -9.14
CA LYS B 297 -36.74 -8.55 -8.24
C LYS B 297 -37.07 -7.82 -6.94
N PRO B 298 -38.35 -7.79 -6.56
CA PRO B 298 -38.76 -6.99 -5.39
C PRO B 298 -38.19 -7.54 -4.10
N PRO B 299 -37.93 -6.66 -3.10
CA PRO B 299 -37.41 -7.20 -1.85
C PRO B 299 -38.53 -8.01 -1.14
N VAL B 300 -38.15 -9.01 -0.38
CA VAL B 300 -39.14 -9.81 0.36
C VAL B 300 -39.02 -9.48 1.85
N PRO B 301 -40.07 -8.99 2.49
CA PRO B 301 -39.98 -8.70 3.88
C PRO B 301 -39.95 -9.92 4.77
N LEU B 302 -39.33 -9.75 5.95
CA LEU B 302 -38.90 -10.83 6.85
C LEU B 302 -39.73 -10.67 8.03
N ASP B 303 -40.05 -11.76 8.73
CA ASP B 303 -40.86 -11.65 9.94
C ASP B 303 -40.09 -12.32 11.06
N TRP B 304 -40.00 -11.64 12.18
CA TRP B 304 -39.13 -12.09 13.26
C TRP B 304 -39.47 -13.51 13.73
N ALA B 305 -40.71 -13.72 14.14
CA ALA B 305 -41.26 -15.04 14.56
C ALA B 305 -41.14 -16.13 13.50
N GLU B 306 -41.52 -15.84 12.24
CA GLU B 306 -41.22 -16.86 11.18
C GLU B 306 -39.76 -17.24 11.13
N VAL B 307 -38.84 -16.25 11.18
CA VAL B 307 -37.45 -16.60 11.06
C VAL B 307 -37.01 -17.45 12.30
N GLN B 308 -37.45 -17.12 13.51
CA GLN B 308 -37.13 -17.98 14.64
C GLN B 308 -37.87 -19.34 14.61
N SER B 309 -39.07 -19.40 14.04
CA SER B 309 -39.78 -20.71 14.00
C SER B 309 -39.07 -21.72 13.09
N GLN B 310 -38.57 -21.23 11.96
CA GLN B 310 -38.07 -22.07 10.88
C GLN B 310 -36.67 -22.64 11.11
N GLY B 311 -36.05 -22.26 12.23
CA GLY B 311 -34.68 -22.63 12.58
C GLY B 311 -34.61 -24.07 13.06
N LEU B 325 -13.43 -26.48 5.96
CA LEU B 325 -13.78 -25.47 6.97
C LEU B 325 -13.25 -24.05 6.60
N GLY B 326 -12.17 -23.59 7.24
CA GLY B 326 -11.83 -22.15 7.21
C GLY B 326 -11.99 -21.59 8.62
N LEU B 327 -11.79 -20.30 8.79
CA LEU B 327 -11.95 -19.68 10.11
C LEU B 327 -13.41 -19.55 10.53
N LYS B 328 -13.66 -19.28 11.81
CA LYS B 328 -15.05 -19.17 12.32
C LYS B 328 -15.74 -18.05 11.58
N ASP B 329 -15.13 -16.90 11.68
CA ASP B 329 -15.52 -15.74 10.92
C ASP B 329 -15.58 -15.93 9.41
N GLN B 330 -15.14 -17.06 8.89
CA GLN B 330 -15.29 -17.27 7.47
C GLN B 330 -16.53 -18.05 7.13
N GLN B 331 -17.26 -18.50 8.14
CA GLN B 331 -18.53 -19.18 7.87
C GLN B 331 -19.65 -18.17 7.60
N VAL B 332 -20.46 -18.48 6.58
CA VAL B 332 -21.70 -17.84 6.39
C VAL B 332 -22.77 -18.58 7.19
N LEU B 333 -23.46 -17.85 8.07
CA LEU B 333 -24.53 -18.40 8.83
C LEU B 333 -25.92 -18.36 8.17
N ASP B 334 -26.92 -18.91 8.86
CA ASP B 334 -28.27 -18.77 8.29
C ASP B 334 -28.94 -17.50 8.82
N VAL B 335 -30.10 -17.23 8.27
CA VAL B 335 -30.83 -16.05 8.51
C VAL B 335 -31.10 -15.91 9.97
N LYS B 336 -31.55 -17.00 10.55
CA LYS B 336 -31.98 -17.11 11.96
C LYS B 336 -30.82 -16.54 12.83
N SER B 337 -29.63 -16.93 12.48
CA SER B 337 -28.46 -16.69 13.25
C SER B 337 -28.06 -15.20 13.18
N TYR B 338 -28.12 -14.67 11.95
CA TYR B 338 -27.90 -13.27 11.73
C TYR B 338 -28.92 -12.47 12.55
N ALA B 339 -30.17 -12.93 12.55
CA ALA B 339 -31.27 -12.27 13.21
C ALA B 339 -30.99 -12.15 14.70
N ARG B 340 -30.56 -13.26 15.26
CA ARG B 340 -30.28 -13.40 16.66
C ARG B 340 -29.05 -12.53 17.02
N LEU B 341 -28.07 -12.51 16.13
CA LEU B 341 -26.89 -11.68 16.32
C LEU B 341 -27.24 -10.21 16.23
N PHE B 342 -28.24 -9.87 15.43
CA PHE B 342 -28.61 -8.49 15.27
C PHE B 342 -29.15 -8.07 16.65
N SER B 343 -29.96 -8.93 17.21
CA SER B 343 -30.67 -8.70 18.43
C SER B 343 -29.67 -8.58 19.61
N LYS B 344 -28.79 -9.55 19.76
CA LYS B 344 -27.77 -9.54 20.79
C LYS B 344 -26.88 -8.30 20.66
N SER B 345 -26.57 -7.91 19.44
CA SER B 345 -25.71 -6.77 19.18
C SER B 345 -26.31 -5.49 19.67
N ILE B 346 -27.63 -5.34 19.51
CA ILE B 346 -28.31 -4.16 20.01
C ILE B 346 -28.24 -4.10 21.55
N GLU B 347 -28.44 -5.26 22.16
CA GLU B 347 -28.38 -5.38 23.62
C GLU B 347 -27.07 -4.91 24.15
N THR B 348 -25.99 -5.43 23.62
CA THR B 348 -24.66 -4.97 24.01
C THR B 348 -24.43 -3.47 23.68
N LEU B 349 -24.79 -2.98 22.48
CA LEU B 349 -24.48 -1.56 22.13
C LEU B 349 -25.31 -0.54 22.95
N ARG B 350 -26.45 -0.96 23.39
CA ARG B 350 -27.30 -0.14 24.24
C ARG B 350 -26.54 0.05 25.53
N VAL B 351 -25.82 -0.99 25.96
CA VAL B 351 -24.98 -0.91 27.16
C VAL B 351 -23.77 -0.04 26.94
N HIS B 352 -23.05 -0.24 25.84
CA HIS B 352 -21.86 0.56 25.55
C HIS B 352 -22.29 2.01 25.55
N LEU B 353 -23.46 2.25 24.99
CA LEU B 353 -23.95 3.59 24.92
C LEU B 353 -24.25 4.22 26.31
N ALA B 354 -24.86 3.49 27.25
CA ALA B 354 -25.03 3.96 28.60
C ALA B 354 -23.65 4.19 29.38
N GLU B 355 -22.54 3.56 28.92
CA GLU B 355 -21.23 3.75 29.53
C GLU B 355 -20.49 5.02 29.08
N LYS B 356 -20.97 5.64 28.00
CA LYS B 356 -20.53 6.96 27.62
C LYS B 356 -20.73 8.00 28.72
N GLY B 357 -19.82 8.95 28.77
CA GLY B 357 -19.94 9.95 29.78
C GLY B 357 -20.42 11.12 29.00
N ASP B 358 -21.39 11.80 29.59
CA ASP B 358 -21.82 13.12 29.20
C ASP B 358 -22.51 13.17 27.82
N GLY B 359 -23.46 12.24 27.62
CA GLY B 359 -24.32 12.19 26.45
C GLY B 359 -23.64 11.86 25.14
N ALA B 360 -22.40 11.40 25.20
CA ALA B 360 -21.62 11.12 24.00
C ALA B 360 -22.10 9.83 23.26
N GLU B 361 -21.76 9.78 21.98
CA GLU B 361 -22.16 8.72 21.04
C GLU B 361 -21.07 7.65 20.79
N LEU B 362 -21.47 6.54 20.18
CA LEU B 362 -20.49 5.55 19.79
C LEU B 362 -19.79 6.01 18.53
N ILE B 363 -18.54 5.59 18.37
CA ILE B 363 -17.84 5.77 17.11
C ILE B 363 -17.68 4.35 16.58
N TRP B 364 -18.05 4.10 15.32
CA TRP B 364 -17.99 2.76 14.71
C TRP B 364 -16.59 2.29 14.56
N ASP B 365 -16.34 1.06 14.98
CA ASP B 365 -15.03 0.48 14.93
C ASP B 365 -15.06 -1.01 14.51
N LYS B 366 -14.32 -1.35 13.45
CA LYS B 366 -14.26 -2.72 13.02
C LYS B 366 -13.75 -3.66 14.10
N ASP B 367 -12.99 -3.11 15.05
CA ASP B 367 -12.41 -4.01 16.04
C ASP B 367 -13.27 -4.23 17.28
N ASP B 368 -14.31 -3.42 17.47
CA ASP B 368 -15.25 -3.57 18.56
C ASP B 368 -16.17 -4.73 18.15
N PRO B 369 -16.10 -5.86 18.88
CA PRO B 369 -16.89 -6.99 18.46
C PRO B 369 -18.32 -6.65 18.07
N SER B 370 -19.05 -5.94 18.93
CA SER B 370 -20.46 -5.85 18.78
C SER B 370 -20.89 -4.80 17.79
N ALA B 371 -20.01 -3.83 17.56
CA ALA B 371 -20.24 -2.93 16.46
C ALA B 371 -20.06 -3.72 15.16
N MET B 372 -19.16 -4.70 15.16
CA MET B 372 -18.80 -5.38 13.92
C MET B 372 -19.87 -6.39 13.61
N ASP B 373 -20.34 -7.09 14.65
CA ASP B 373 -21.52 -7.97 14.61
C ASP B 373 -22.75 -7.24 14.23
N PHE B 374 -22.85 -5.97 14.66
CA PHE B 374 -24.10 -5.24 14.37
C PHE B 374 -24.21 -5.06 12.89
N VAL B 375 -23.11 -4.72 12.32
CA VAL B 375 -23.06 -4.38 10.90
C VAL B 375 -23.08 -5.65 10.07
N THR B 376 -22.47 -6.73 10.60
CA THR B 376 -22.46 -8.00 9.94
C THR B 376 -23.87 -8.51 9.88
N SER B 377 -24.60 -8.36 10.95
CA SER B 377 -25.86 -9.08 10.96
C SER B 377 -26.86 -8.26 10.19
N ALA B 378 -26.81 -6.95 10.35
CA ALA B 378 -27.74 -6.04 9.61
C ALA B 378 -27.52 -6.14 8.10
N ALA B 379 -26.27 -6.10 7.66
CA ALA B 379 -25.96 -6.16 6.20
C ALA B 379 -26.44 -7.50 5.59
N ASN B 380 -26.16 -8.61 6.30
CA ASN B 380 -26.59 -9.91 5.80
C ASN B 380 -28.07 -10.00 5.65
N LEU B 381 -28.82 -9.46 6.63
CA LEU B 381 -30.27 -9.45 6.50
C LEU B 381 -30.75 -8.56 5.37
N ARG B 382 -30.15 -7.36 5.20
CA ARG B 382 -30.54 -6.48 4.08
C ARG B 382 -30.26 -7.31 2.82
N MET B 383 -29.10 -7.98 2.74
CA MET B 383 -28.71 -8.78 1.58
C MET B 383 -29.75 -9.79 1.20
N HIS B 384 -30.14 -10.63 2.17
CA HIS B 384 -31.14 -11.63 1.98
C HIS B 384 -32.45 -11.04 1.47
N ILE B 385 -33.01 -10.09 2.19
CA ILE B 385 -34.18 -9.43 1.75
C ILE B 385 -34.16 -9.07 0.21
N PHE B 386 -33.01 -8.63 -0.30
CA PHE B 386 -32.84 -8.32 -1.71
C PHE B 386 -32.24 -9.48 -2.54
N SER B 387 -32.35 -10.72 -2.05
CA SER B 387 -31.93 -11.92 -2.81
C SER B 387 -30.47 -12.00 -3.17
N MET B 388 -29.60 -11.51 -2.30
CA MET B 388 -28.18 -11.59 -2.58
C MET B 388 -27.68 -12.64 -1.65
N ASN B 389 -26.59 -13.31 -2.00
CA ASN B 389 -26.12 -14.30 -1.08
C ASN B 389 -25.46 -13.58 0.06
N MET B 390 -25.72 -14.04 1.27
CA MET B 390 -25.06 -13.47 2.42
C MET B 390 -23.57 -13.72 2.43
N LYS B 391 -22.83 -12.78 3.07
CA LYS B 391 -21.37 -12.85 3.22
C LYS B 391 -20.90 -13.13 4.64
N SER B 392 -19.68 -13.59 4.82
CA SER B 392 -19.18 -13.88 6.18
C SER B 392 -18.65 -12.65 6.89
N ARG B 393 -18.55 -12.76 8.21
CA ARG B 393 -18.02 -11.68 9.00
C ARG B 393 -16.62 -11.26 8.49
N PHE B 394 -15.83 -12.24 8.10
CA PHE B 394 -14.55 -11.96 7.63
C PHE B 394 -14.65 -11.07 6.39
N ASP B 395 -15.53 -11.40 5.44
CA ASP B 395 -15.61 -10.57 4.23
C ASP B 395 -16.21 -9.25 4.57
N ILE B 396 -17.23 -9.27 5.41
CA ILE B 396 -17.91 -8.03 5.75
C ILE B 396 -16.93 -7.10 6.50
N LYS B 397 -16.13 -7.64 7.39
CA LYS B 397 -15.17 -6.83 8.11
C LYS B 397 -14.23 -6.17 7.15
N SER B 398 -13.70 -6.94 6.22
CA SER B 398 -12.92 -6.40 5.16
C SER B 398 -13.63 -5.22 4.42
N MET B 399 -14.83 -5.43 3.94
CA MET B 399 -15.47 -4.35 3.16
C MET B 399 -15.92 -3.19 4.03
N ALA B 400 -16.38 -3.49 5.22
CA ALA B 400 -16.84 -2.43 6.09
C ALA B 400 -15.66 -1.64 6.62
N GLY B 401 -14.59 -2.29 6.99
CA GLY B 401 -13.45 -1.58 7.50
C GLY B 401 -12.50 -1.03 6.48
N ASN B 402 -12.71 -1.33 5.21
CA ASN B 402 -11.71 -1.02 4.24
C ASN B 402 -10.28 -1.50 4.52
N ILE B 403 -10.20 -2.68 5.09
CA ILE B 403 -8.93 -3.30 5.39
C ILE B 403 -8.13 -3.46 4.15
N ILE B 404 -6.88 -3.08 4.24
CA ILE B 404 -5.92 -3.26 3.18
C ILE B 404 -5.01 -4.42 3.58
N PRO B 405 -4.85 -5.41 2.69
CA PRO B 405 -3.91 -6.48 3.10
C PRO B 405 -2.50 -5.90 3.12
N ALA B 406 -1.68 -6.39 4.04
CA ALA B 406 -0.38 -5.77 4.38
C ALA B 406 0.49 -6.83 4.99
N ILE B 407 1.77 -6.84 4.64
CA ILE B 407 2.64 -7.85 5.16
C ILE B 407 3.93 -7.15 5.46
N ALA B 408 4.87 -7.86 6.09
CA ALA B 408 6.11 -7.28 6.48
C ALA B 408 7.04 -6.95 5.34
N THR B 409 7.28 -7.88 4.42
CA THR B 409 8.30 -7.67 3.43
C THR B 409 8.06 -6.50 2.56
N THR B 410 6.82 -6.21 2.24
CA THR B 410 6.51 -5.12 1.36
C THR B 410 6.90 -3.77 2.01
N ASN B 411 6.58 -3.62 3.29
CA ASN B 411 6.93 -2.42 4.03
C ASN B 411 8.45 -2.33 4.23
N ALA B 412 9.06 -3.47 4.47
CA ALA B 412 10.51 -3.49 4.61
C ALA B 412 11.17 -2.97 3.35
N VAL B 413 10.70 -3.46 2.20
CA VAL B 413 11.25 -3.00 0.91
C VAL B 413 11.01 -1.50 0.74
N ILE B 414 9.78 -1.08 0.96
CA ILE B 414 9.58 0.36 0.83
C ILE B 414 10.46 1.23 1.80
N ALA B 415 10.53 0.85 3.08
CA ALA B 415 11.25 1.68 4.04
C ALA B 415 12.71 1.68 3.67
N GLY B 416 13.17 0.59 3.04
CA GLY B 416 14.56 0.52 2.61
C GLY B 416 14.77 1.59 1.57
N LEU B 417 13.96 1.57 0.50
CA LEU B 417 14.01 2.60 -0.53
C LEU B 417 13.93 4.03 -0.02
N ILE B 418 13.15 4.24 1.05
CA ILE B 418 13.03 5.58 1.58
C ILE B 418 14.37 6.16 2.04
N VAL B 419 15.11 5.39 2.85
CA VAL B 419 16.42 5.89 3.32
C VAL B 419 17.37 6.08 2.18
N LEU B 420 17.42 5.13 1.25
CA LEU B 420 18.30 5.37 0.10
C LEU B 420 17.99 6.64 -0.62
N GLU B 421 16.71 6.94 -0.93
CA GLU B 421 16.37 8.22 -1.61
C GLU B 421 16.66 9.43 -0.72
N GLY B 422 16.36 9.29 0.57
CA GLY B 422 16.84 10.23 1.57
C GLY B 422 18.28 10.62 1.26
N LEU B 423 19.23 9.73 1.50
CA LEU B 423 20.64 10.00 1.16
C LEU B 423 20.84 10.80 -0.14
N LYS B 424 20.33 10.30 -1.26
CA LYS B 424 20.51 11.00 -2.51
C LYS B 424 20.14 12.45 -2.41
N ILE B 425 19.07 12.74 -1.68
CA ILE B 425 18.55 14.10 -1.54
C ILE B 425 19.55 14.94 -0.76
N LEU B 426 20.09 14.32 0.26
CA LEU B 426 20.87 14.98 1.29
C LEU B 426 22.33 15.27 0.84
N SER B 427 22.68 14.76 -0.34
CA SER B 427 23.97 15.00 -0.93
C SER B 427 23.81 15.61 -2.30
N GLY B 428 22.77 16.43 -2.48
CA GLY B 428 22.52 17.12 -3.75
C GLY B 428 22.29 16.26 -4.99
N LYS B 429 22.03 14.97 -4.81
CA LYS B 429 21.78 14.08 -5.97
C LYS B 429 20.27 13.94 -6.29
N ILE B 430 19.50 14.92 -5.81
CA ILE B 430 18.07 15.09 -6.10
C ILE B 430 17.76 14.83 -7.57
N ASP B 431 18.64 15.26 -8.45
CA ASP B 431 18.57 14.88 -9.86
C ASP B 431 18.73 13.34 -10.14
N GLN B 432 19.04 12.54 -9.13
CA GLN B 432 19.03 11.09 -9.34
C GLN B 432 17.82 10.36 -8.74
N CYS B 433 17.19 11.01 -7.77
CA CYS B 433 15.88 10.64 -7.27
C CYS B 433 14.87 10.24 -8.33
N ARG B 434 14.05 9.25 -7.99
CA ARG B 434 13.05 8.73 -8.89
C ARG B 434 11.81 8.37 -8.10
N THR B 435 10.73 8.13 -8.81
CA THR B 435 9.61 7.41 -8.24
C THR B 435 9.98 5.96 -8.49
N ILE B 436 10.15 5.20 -7.43
CA ILE B 436 10.42 3.78 -7.59
C ILE B 436 9.18 3.00 -7.30
N PHE B 437 8.75 2.20 -8.29
CA PHE B 437 7.64 1.26 -8.10
C PHE B 437 8.12 -0.08 -7.73
N LEU B 438 7.44 -0.74 -6.79
CA LEU B 438 7.69 -2.17 -6.46
C LEU B 438 6.62 -3.02 -7.16
N ASN B 439 7.03 -3.86 -8.11
CA ASN B 439 6.15 -4.80 -8.80
C ASN B 439 6.08 -6.15 -8.11
N LYS B 440 5.00 -6.86 -8.37
CA LYS B 440 4.79 -8.23 -7.94
C LYS B 440 5.65 -9.19 -8.83
N GLN B 441 5.65 -8.90 -10.13
CA GLN B 441 6.32 -9.69 -11.16
C GLN B 441 7.19 -8.78 -12.06
N PRO B 442 8.29 -9.32 -12.61
CA PRO B 442 9.11 -8.41 -13.39
C PRO B 442 8.51 -8.05 -14.74
N ASN B 443 8.71 -6.78 -15.09
CA ASN B 443 8.23 -6.20 -16.32
C ASN B 443 9.00 -6.71 -17.56
N PRO B 444 8.53 -6.33 -18.76
CA PRO B 444 9.14 -6.90 -19.98
C PRO B 444 10.63 -6.68 -20.03
N ARG B 445 11.13 -5.52 -19.60
CA ARG B 445 12.60 -5.30 -19.56
C ARG B 445 13.27 -5.87 -18.28
N LYS B 446 12.64 -6.89 -17.67
CA LYS B 446 13.14 -7.63 -16.48
C LYS B 446 13.14 -6.85 -15.13
N LYS B 447 12.27 -5.85 -14.98
CA LYS B 447 12.42 -4.99 -13.80
C LYS B 447 11.40 -5.31 -12.75
N LEU B 448 11.86 -5.49 -11.50
CA LEU B 448 10.98 -5.72 -10.33
C LEU B 448 10.80 -4.42 -9.56
N LEU B 449 11.88 -3.68 -9.43
CA LEU B 449 11.79 -2.32 -9.01
C LEU B 449 11.94 -1.52 -10.28
N VAL B 450 10.99 -0.63 -10.54
CA VAL B 450 11.03 0.21 -11.72
C VAL B 450 11.21 1.69 -11.33
N PRO B 451 12.46 2.19 -11.46
CA PRO B 451 12.71 3.60 -11.11
C PRO B 451 12.23 4.48 -12.26
N CYS B 452 11.48 5.51 -11.93
CA CYS B 452 10.80 6.30 -12.92
C CYS B 452 11.02 7.82 -12.73
N ALA B 453 11.00 8.55 -13.82
CA ALA B 453 11.36 9.97 -13.83
C ALA B 453 10.40 10.80 -12.99
N LEU B 454 10.93 11.57 -12.03
CA LEU B 454 10.14 12.61 -11.41
C LEU B 454 9.53 13.53 -12.50
N ASP B 455 8.36 14.11 -12.21
CA ASP B 455 7.70 15.03 -13.12
C ASP B 455 7.77 16.37 -12.43
N PRO B 456 7.70 17.47 -13.20
CA PRO B 456 7.82 18.81 -12.59
C PRO B 456 6.43 19.32 -12.15
N PRO B 457 6.39 20.44 -11.40
CA PRO B 457 5.17 20.94 -10.79
C PRO B 457 4.12 21.21 -11.84
N ASN B 458 2.89 20.73 -11.64
CA ASN B 458 1.83 21.00 -12.60
C ASN B 458 1.22 22.38 -12.35
N PRO B 459 1.28 23.30 -13.37
CA PRO B 459 0.92 24.73 -13.22
C PRO B 459 -0.52 24.93 -12.78
N ASN B 460 -1.36 23.96 -13.06
CA ASN B 460 -2.77 24.01 -12.65
C ASN B 460 -3.11 23.26 -11.33
N CYS B 461 -2.07 22.97 -10.56
CA CYS B 461 -2.23 22.36 -9.28
C CYS B 461 -2.98 23.36 -8.38
N TYR B 462 -3.99 22.87 -7.67
CA TYR B 462 -4.77 23.70 -6.80
C TYR B 462 -4.07 23.85 -5.39
N VAL B 463 -2.88 23.24 -5.22
CA VAL B 463 -2.10 23.42 -3.96
C VAL B 463 -0.79 24.22 -4.12
N CYS B 464 0.08 23.77 -5.01
CA CYS B 464 1.46 24.21 -5.00
C CYS B 464 1.70 25.41 -5.93
N ALA B 465 0.70 25.73 -6.78
CA ALA B 465 0.79 26.87 -7.76
C ALA B 465 0.85 28.24 -7.03
N SER B 466 1.05 29.32 -7.77
CA SER B 466 1.37 30.60 -7.12
C SER B 466 0.16 31.22 -6.41
N LYS B 467 -0.90 31.48 -7.16
CA LYS B 467 -2.10 31.90 -6.46
C LYS B 467 -3.19 30.88 -6.78
N PRO B 468 -3.17 29.75 -6.06
CA PRO B 468 -4.01 28.61 -6.43
C PRO B 468 -5.49 28.96 -6.42
N GLU B 469 -6.26 28.28 -7.27
CA GLU B 469 -7.59 28.71 -7.60
C GLU B 469 -8.44 27.54 -8.14
N VAL B 470 -9.68 27.39 -7.69
CA VAL B 470 -10.52 26.32 -8.19
C VAL B 470 -11.85 26.87 -8.56
N THR B 471 -12.57 26.08 -9.35
CA THR B 471 -13.96 26.37 -9.65
C THR B 471 -14.85 25.28 -9.09
N VAL B 472 -15.93 25.68 -8.43
CA VAL B 472 -16.85 24.70 -7.82
C VAL B 472 -18.24 24.97 -8.32
N ARG B 473 -18.91 23.90 -8.70
CA ARG B 473 -20.25 24.02 -9.24
C ARG B 473 -21.21 23.52 -8.16
N LEU B 474 -22.18 24.38 -7.84
CA LEU B 474 -23.15 24.07 -6.83
C LEU B 474 -24.42 24.92 -6.98
N ASN B 475 -25.44 24.60 -6.19
CA ASN B 475 -26.65 25.41 -6.12
C ASN B 475 -26.54 26.33 -4.93
N VAL B 476 -26.45 27.62 -5.19
CA VAL B 476 -26.20 28.60 -4.14
C VAL B 476 -27.41 28.80 -3.18
N HIS B 477 -28.53 28.12 -3.50
CA HIS B 477 -29.77 28.17 -2.73
C HIS B 477 -29.93 26.91 -1.88
N LYS B 478 -29.41 25.77 -2.34
CA LYS B 478 -29.44 24.52 -1.56
C LYS B 478 -28.25 24.41 -0.57
N VAL B 479 -27.07 24.87 -0.98
CA VAL B 479 -25.85 24.69 -0.22
C VAL B 479 -25.70 25.67 0.97
N THR B 480 -25.39 25.16 2.14
CA THR B 480 -25.27 25.99 3.31
C THR B 480 -23.80 26.26 3.61
N VAL B 481 -23.58 27.21 4.48
CA VAL B 481 -22.27 27.50 4.99
C VAL B 481 -21.65 26.28 5.60
N LEU B 482 -22.40 25.53 6.42
CA LEU B 482 -21.85 24.33 7.08
C LEU B 482 -21.32 23.35 6.04
N THR B 483 -22.08 23.17 4.95
CA THR B 483 -21.74 22.23 3.90
C THR B 483 -20.50 22.67 3.11
N LEU B 484 -20.43 23.98 2.88
CA LEU B 484 -19.25 24.59 2.41
C LEU B 484 -18.07 24.27 3.34
N GLN B 485 -18.27 24.37 4.65
CA GLN B 485 -17.18 24.24 5.60
C GLN B 485 -16.67 22.82 5.67
N ASP B 486 -17.58 21.87 5.93
CA ASP B 486 -17.23 20.48 6.13
C ASP B 486 -17.06 19.66 4.82
N LYS B 487 -18.02 19.69 3.91
CA LYS B 487 -17.90 18.79 2.77
C LYS B 487 -17.00 19.32 1.67
N ILE B 488 -16.88 20.64 1.58
CA ILE B 488 -16.07 21.21 0.52
C ILE B 488 -14.64 21.55 1.01
N VAL B 489 -14.57 22.48 1.95
CA VAL B 489 -13.29 23.01 2.35
C VAL B 489 -12.47 22.02 3.18
N LYS B 490 -13.07 21.48 4.24
CA LYS B 490 -12.35 20.53 5.09
C LYS B 490 -12.19 19.19 4.43
N GLU B 491 -13.29 18.67 3.87
CA GLU B 491 -13.25 17.32 3.36
C GLU B 491 -12.69 17.23 1.93
N LYS B 492 -13.27 17.93 0.95
CA LYS B 492 -12.68 17.86 -0.39
C LYS B 492 -11.28 18.55 -0.49
N PHE B 493 -11.14 19.80 -0.02
CA PHE B 493 -9.89 20.46 -0.17
C PHE B 493 -8.90 20.22 0.96
N ALA B 494 -9.30 19.30 1.84
CA ALA B 494 -8.44 18.78 2.92
C ALA B 494 -7.88 19.86 3.89
N MET B 495 -8.54 21.00 4.02
CA MET B 495 -8.06 22.01 5.00
C MET B 495 -8.47 21.56 6.37
N VAL B 496 -7.70 21.97 7.36
CA VAL B 496 -7.85 21.40 8.70
C VAL B 496 -8.72 22.28 9.59
N ALA B 497 -8.47 23.59 9.56
CA ALA B 497 -9.41 24.56 10.19
C ALA B 497 -9.44 25.84 9.35
N PRO B 498 -10.35 25.87 8.37
CA PRO B 498 -10.38 26.96 7.42
C PRO B 498 -10.94 28.29 8.01
N ASP B 499 -10.51 29.43 7.46
CA ASP B 499 -11.27 30.70 7.51
C ASP B 499 -11.75 31.00 6.10
N VAL B 500 -13.00 31.37 5.96
CA VAL B 500 -13.51 31.58 4.61
C VAL B 500 -14.24 32.91 4.56
N GLN B 501 -13.87 33.72 3.59
CA GLN B 501 -14.52 35.03 3.38
C GLN B 501 -14.90 35.23 1.92
N ILE B 502 -15.76 36.22 1.67
CA ILE B 502 -16.07 36.63 0.28
C ILE B 502 -14.92 37.54 -0.13
N GLU B 503 -14.50 37.43 -1.38
CA GLU B 503 -13.46 38.33 -1.86
C GLU B 503 -14.04 39.63 -2.33
N ASP B 504 -14.44 40.49 -1.41
CA ASP B 504 -15.16 41.69 -1.79
C ASP B 504 -14.70 42.90 -1.00
N GLY B 505 -13.49 42.85 -0.51
CA GLY B 505 -12.94 44.10 0.06
C GLY B 505 -13.68 44.70 1.25
N LYS B 506 -14.99 44.51 1.34
CA LYS B 506 -15.54 44.46 2.70
C LYS B 506 -15.00 43.16 3.38
N GLY B 507 -14.88 42.09 2.59
CA GLY B 507 -14.37 40.77 3.05
C GLY B 507 -15.36 40.00 3.90
N THR B 508 -16.63 39.96 3.46
CA THR B 508 -17.67 39.36 4.28
C THR B 508 -17.18 38.01 4.78
N ILE B 509 -17.21 37.81 6.09
CA ILE B 509 -16.90 36.53 6.68
C ILE B 509 -17.98 35.42 6.50
N LEU B 510 -17.56 34.20 6.19
CA LEU B 510 -18.48 33.07 6.18
C LEU B 510 -18.13 32.10 7.27
N ILE B 511 -16.87 31.70 7.34
CA ILE B 511 -16.44 30.66 8.25
C ILE B 511 -15.23 31.18 8.96
N SER B 512 -15.18 30.92 10.26
CA SER B 512 -14.02 31.22 11.10
C SER B 512 -13.49 29.94 11.72
N SER B 513 -12.19 29.87 11.97
CA SER B 513 -11.60 28.71 12.62
C SER B 513 -11.62 28.86 14.13
N GLU B 514 -12.23 29.95 14.57
CA GLU B 514 -12.22 30.33 15.96
C GLU B 514 -13.57 29.92 16.50
N GLU B 515 -13.55 28.75 17.16
CA GLU B 515 -14.69 28.08 17.82
C GLU B 515 -15.77 29.01 18.39
N GLY B 516 -16.95 28.93 17.77
CA GLY B 516 -18.09 29.76 18.13
C GLY B 516 -17.84 31.17 17.69
N GLU B 517 -17.74 31.36 16.38
CA GLU B 517 -17.65 32.70 15.83
C GLU B 517 -18.60 32.76 14.68
N THR B 518 -18.70 31.67 13.94
CA THR B 518 -19.58 31.65 12.80
C THR B 518 -20.58 30.50 12.89
N GLU B 519 -20.92 30.15 14.14
CA GLU B 519 -21.96 29.16 14.39
C GLU B 519 -23.33 29.53 13.84
N ALA B 520 -23.72 30.80 14.01
CA ALA B 520 -24.98 31.34 13.51
C ALA B 520 -25.09 31.23 12.00
N ASN B 521 -23.96 31.16 11.31
CA ASN B 521 -23.98 31.16 9.88
C ASN B 521 -24.21 29.78 9.30
N ASN B 522 -23.87 28.75 10.07
CA ASN B 522 -23.96 27.35 9.64
C ASN B 522 -25.21 26.95 8.86
N HIS B 523 -26.37 27.40 9.32
CA HIS B 523 -27.62 26.91 8.79
C HIS B 523 -28.05 27.66 7.50
N LYS B 524 -27.48 28.87 7.31
CA LYS B 524 -27.87 29.81 6.20
C LYS B 524 -27.35 29.29 4.88
N LYS B 525 -28.20 29.33 3.86
CA LYS B 525 -27.80 29.08 2.50
C LYS B 525 -26.81 30.16 1.99
N LEU B 526 -25.97 29.81 1.04
CA LEU B 526 -24.97 30.77 0.50
C LEU B 526 -25.59 32.03 -0.13
N SER B 527 -26.72 31.87 -0.84
CA SER B 527 -27.42 33.01 -1.49
C SER B 527 -27.80 34.12 -0.54
N GLU B 528 -27.85 33.82 0.76
CA GLU B 528 -28.19 34.78 1.81
C GLU B 528 -27.08 35.80 1.98
N PHE B 529 -25.96 35.58 1.32
CA PHE B 529 -24.89 36.55 1.35
C PHE B 529 -24.71 37.20 -0.01
N GLY B 530 -25.44 36.72 -0.99
CA GLY B 530 -25.34 37.26 -2.32
C GLY B 530 -24.45 36.39 -3.18
N ILE B 531 -23.99 35.26 -2.62
CA ILE B 531 -23.12 34.42 -3.39
C ILE B 531 -23.94 33.91 -4.55
N ARG B 532 -23.40 33.99 -5.76
CA ARG B 532 -24.06 33.42 -6.94
C ARG B 532 -23.02 33.12 -7.97
N ASN B 533 -23.46 32.82 -9.21
CA ASN B 533 -22.55 32.60 -10.32
C ASN B 533 -21.45 33.64 -10.42
N GLY B 534 -20.20 33.20 -10.31
CA GLY B 534 -19.06 34.07 -10.47
C GLY B 534 -18.60 34.63 -9.15
N SER B 535 -19.26 34.28 -8.05
CA SER B 535 -18.82 34.84 -6.81
C SER B 535 -17.47 34.19 -6.52
N ARG B 536 -16.66 34.82 -5.68
CA ARG B 536 -15.33 34.33 -5.43
C ARG B 536 -15.12 34.37 -3.93
N LEU B 537 -14.63 33.26 -3.40
CA LEU B 537 -14.47 33.13 -1.99
C LEU B 537 -13.02 32.92 -1.73
N GLN B 538 -12.60 33.19 -0.51
CA GLN B 538 -11.22 32.98 -0.19
C GLN B 538 -11.09 32.13 1.05
N ALA B 539 -10.38 31.03 0.87
CA ALA B 539 -10.28 30.03 1.93
C ALA B 539 -8.85 30.03 2.36
N ASP B 540 -8.68 30.14 3.65
CA ASP B 540 -7.36 30.12 4.25
C ASP B 540 -7.25 29.06 5.29
N ASP B 541 -6.16 28.32 5.24
CA ASP B 541 -5.83 27.47 6.35
C ASP B 541 -4.50 28.04 6.84
N PHE B 542 -4.59 28.91 7.83
CA PHE B 542 -3.40 29.48 8.43
C PHE B 542 -2.40 28.46 8.95
N LEU B 543 -2.88 27.40 9.59
CA LEU B 543 -1.98 26.32 9.96
C LEU B 543 -1.18 25.77 8.77
N GLN B 544 -1.81 25.40 7.66
CA GLN B 544 -1.09 24.86 6.48
C GLN B 544 -0.45 25.97 5.65
N ASP B 545 -0.74 27.20 6.04
CA ASP B 545 -0.24 28.38 5.33
C ASP B 545 -0.60 28.28 3.89
N TYR B 546 -1.87 28.00 3.68
CA TYR B 546 -2.39 27.68 2.37
C TYR B 546 -3.60 28.57 2.18
N THR B 547 -3.82 29.01 0.94
CA THR B 547 -4.83 30.02 0.55
C THR B 547 -5.38 29.61 -0.81
N LEU B 548 -6.70 29.50 -0.92
CA LEU B 548 -7.29 28.92 -2.11
C LEU B 548 -8.47 29.79 -2.41
N LEU B 549 -8.56 30.24 -3.65
CA LEU B 549 -9.67 31.06 -4.05
C LEU B 549 -10.63 30.12 -4.71
N ILE B 550 -11.88 30.15 -4.28
CA ILE B 550 -12.91 29.27 -4.88
C ILE B 550 -13.87 30.11 -5.76
N ASN B 551 -14.01 29.74 -7.04
CA ASN B 551 -14.96 30.35 -7.97
C ASN B 551 -16.20 29.53 -8.03
N ILE B 552 -17.34 30.17 -7.84
CA ILE B 552 -18.61 29.47 -7.79
C ILE B 552 -19.22 29.44 -9.20
N LEU B 553 -19.52 28.25 -9.68
CA LEU B 553 -20.43 28.15 -10.83
C LEU B 553 -21.77 27.76 -10.28
N HIS B 554 -22.77 28.62 -10.44
CA HIS B 554 -24.12 28.21 -10.08
C HIS B 554 -24.72 27.22 -11.06
N SER B 555 -25.31 26.14 -10.52
CA SER B 555 -26.06 25.18 -11.29
C SER B 555 -27.25 24.65 -10.50
N GLU B 556 -28.36 24.47 -11.20
CA GLU B 556 -29.56 23.87 -10.64
C GLU B 556 -29.68 22.36 -10.96
N ASP B 557 -28.85 21.87 -11.88
CA ASP B 557 -29.00 20.55 -12.45
C ASP B 557 -27.96 19.53 -11.99
N LEU B 558 -28.04 19.08 -10.73
CA LEU B 558 -26.98 18.22 -10.19
C LEU B 558 -27.40 16.82 -9.68
N GLY B 559 -28.63 16.68 -9.20
CA GLY B 559 -29.16 15.34 -8.90
C GLY B 559 -29.16 15.01 -7.43
N LYS B 560 -30.19 15.53 -6.75
CA LYS B 560 -30.31 15.73 -5.28
C LYS B 560 -29.42 15.06 -4.20
N ASP B 561 -28.63 14.02 -4.53
CA ASP B 561 -27.56 13.65 -3.58
C ASP B 561 -26.23 14.44 -3.79
N VAL B 562 -26.03 14.96 -5.02
CA VAL B 562 -24.78 15.61 -5.48
C VAL B 562 -24.81 17.11 -5.24
N GLU B 563 -24.25 17.55 -4.10
CA GLU B 563 -24.30 18.93 -3.63
C GLU B 563 -23.28 19.89 -4.27
N PHE B 564 -22.22 19.33 -4.87
CA PHE B 564 -21.23 20.10 -5.58
C PHE B 564 -20.34 19.17 -6.35
N GLU B 565 -19.57 19.77 -7.25
CA GLU B 565 -18.48 19.09 -7.92
C GLU B 565 -17.40 20.09 -8.35
N VAL B 566 -16.17 19.64 -8.32
CA VAL B 566 -15.04 20.43 -8.73
C VAL B 566 -14.92 20.47 -10.23
N VAL B 567 -14.65 21.62 -10.81
CA VAL B 567 -14.40 21.72 -12.26
C VAL B 567 -12.88 21.61 -12.60
N GLY B 568 -12.55 21.57 -13.91
CA GLY B 568 -11.16 21.84 -14.33
C GLY B 568 -10.61 20.97 -15.45
N GLU B 627 -43.11 11.33 -27.58
CA GLU B 627 -42.21 12.24 -26.79
C GLU B 627 -40.72 12.11 -27.22
N ARG B 628 -39.79 12.46 -26.32
CA ARG B 628 -38.34 12.55 -26.66
C ARG B 628 -37.34 11.71 -25.80
N SER B 629 -37.83 10.62 -25.20
CA SER B 629 -36.98 9.48 -24.82
C SER B 629 -37.12 8.40 -25.92
N ARG B 630 -37.96 8.74 -26.90
CA ARG B 630 -38.31 7.90 -28.06
C ARG B 630 -37.72 8.51 -29.32
N LYS B 631 -36.98 9.62 -29.15
CA LYS B 631 -36.29 10.31 -30.23
C LYS B 631 -34.83 10.48 -29.85
N ARG B 632 -34.61 10.95 -28.60
CA ARG B 632 -33.26 11.09 -28.03
C ARG B 632 -32.87 9.88 -27.18
N LYS B 633 -32.95 8.71 -27.82
CA LYS B 633 -32.43 7.41 -27.34
C LYS B 633 -32.40 6.44 -28.54
N LEU B 634 -33.32 6.68 -29.47
CA LEU B 634 -33.27 6.06 -30.80
C LEU B 634 -32.39 6.93 -31.76
N ASP B 635 -31.75 7.96 -31.19
CA ASP B 635 -30.78 8.84 -31.89
C ASP B 635 -29.34 8.44 -31.53
N GLU B 636 -29.17 7.86 -30.34
CA GLU B 636 -27.91 7.26 -29.92
C GLU B 636 -27.52 6.07 -30.84
N LYS B 637 -28.52 5.29 -31.27
CA LYS B 637 -28.33 4.14 -32.15
C LYS B 637 -27.83 4.51 -33.56
N GLU B 638 -28.17 5.74 -34.01
CA GLU B 638 -27.62 6.29 -35.26
C GLU B 638 -26.70 7.51 -35.09
N ASN B 639 -26.28 7.78 -33.85
CA ASN B 639 -25.07 8.56 -33.57
C ASN B 639 -23.88 7.62 -33.34
N LEU B 640 -24.22 6.34 -33.09
CA LEU B 640 -23.29 5.20 -33.08
C LEU B 640 -23.20 4.52 -34.46
N SER B 641 -24.29 4.59 -35.24
CA SER B 641 -24.32 4.11 -36.65
C SER B 641 -23.47 5.00 -37.56
N ALA B 642 -23.44 6.31 -37.25
CA ALA B 642 -22.64 7.32 -37.98
C ALA B 642 -21.17 7.39 -37.52
N LYS B 643 -20.94 7.24 -36.20
CA LYS B 643 -19.59 7.20 -35.58
C LYS B 643 -18.72 6.08 -36.15
N ARG B 644 -19.32 4.91 -36.41
CA ARG B 644 -18.63 3.82 -37.12
C ARG B 644 -19.14 3.61 -38.56
N SER B 645 -19.62 4.69 -39.17
CA SER B 645 -19.67 4.83 -40.62
C SER B 645 -18.33 5.40 -41.10
N ARG B 646 -17.76 6.33 -40.32
CA ARG B 646 -16.46 6.96 -40.61
C ARG B 646 -15.25 6.16 -40.10
N ILE B 647 -15.42 5.43 -38.99
CA ILE B 647 -14.46 4.41 -38.55
C ILE B 647 -14.13 3.42 -39.69
N GLU B 648 -15.16 2.88 -40.35
CA GLU B 648 -14.95 1.86 -41.38
C GLU B 648 -14.72 2.48 -42.77
N GLN B 649 -14.39 3.76 -42.77
CA GLN B 649 -13.87 4.45 -43.96
C GLN B 649 -12.47 5.09 -43.73
N LYS B 650 -11.61 4.41 -42.95
CA LYS B 650 -10.22 4.85 -42.65
C LYS B 650 -10.05 6.34 -42.26
N GLU B 651 -11.05 6.89 -41.53
CA GLU B 651 -11.17 8.35 -41.31
C GLU B 651 -11.76 8.85 -39.97
N GLU B 652 -11.36 8.26 -38.83
CA GLU B 652 -11.84 8.70 -37.49
C GLU B 652 -10.72 8.87 -36.44
N LEU B 653 -10.58 10.10 -35.90
CA LEU B 653 -9.54 10.48 -34.92
C LEU B 653 -9.27 9.38 -33.84
N ASP B 654 -10.20 9.31 -32.89
CA ASP B 654 -10.11 8.43 -31.72
C ASP B 654 -10.80 7.09 -31.97
N ASP B 655 -10.02 6.01 -31.93
CA ASP B 655 -10.56 4.64 -31.98
C ASP B 655 -9.70 3.58 -31.26
N VAL B 656 -10.26 3.01 -30.20
CA VAL B 656 -9.63 1.93 -29.45
C VAL B 656 -10.56 0.73 -29.33
N ILE B 657 -10.06 -0.44 -29.73
CA ILE B 657 -10.75 -1.74 -29.60
C ILE B 657 -10.05 -2.61 -28.54
N ALA B 658 -10.82 -3.18 -27.62
CA ALA B 658 -10.28 -4.16 -26.68
C ALA B 658 -10.19 -5.52 -27.35
N LEU B 659 -9.11 -6.24 -27.10
CA LEU B 659 -8.94 -7.58 -27.66
C LEU B 659 -8.79 -8.66 -26.57
N ASP B 660 -7.56 -9.17 -26.42
CA ASP B 660 -7.19 -10.38 -25.62
C ASP B 660 -7.39 -11.71 -26.43
N GLY C 19 -6.22 7.24 -40.50
CA GLY C 19 -5.03 6.66 -39.80
C GLY C 19 -4.89 5.17 -40.10
N GLU C 20 -3.82 4.56 -39.60
CA GLU C 20 -3.69 3.10 -39.59
C GLU C 20 -3.82 2.57 -38.15
N TYR C 21 -3.75 1.24 -37.97
CA TYR C 21 -3.95 0.65 -36.64
C TYR C 21 -2.71 -0.04 -36.05
N ILE C 22 -2.62 -0.04 -34.72
CA ILE C 22 -1.67 -0.91 -33.99
C ILE C 22 -2.29 -1.66 -32.84
N LYS C 23 -1.78 -2.87 -32.64
CA LYS C 23 -1.98 -3.65 -31.45
C LYS C 23 -0.92 -3.13 -30.46
N LEU C 24 -1.40 -2.70 -29.28
CA LEU C 24 -0.59 -2.25 -28.15
C LEU C 24 -0.93 -3.17 -27.00
N LYS C 25 0.03 -3.42 -26.13
CA LYS C 25 -0.31 -4.16 -24.92
C LYS C 25 0.01 -3.38 -23.65
N VAL C 26 -0.94 -3.41 -22.74
CA VAL C 26 -0.86 -2.76 -21.47
C VAL C 26 -0.55 -3.81 -20.42
N ILE C 27 0.60 -3.72 -19.73
CA ILE C 27 0.91 -4.64 -18.59
C ILE C 27 0.78 -3.98 -17.20
N GLY C 28 0.16 -4.69 -16.27
CA GLY C 28 0.04 -4.24 -14.88
C GLY C 28 1.11 -4.76 -13.94
N GLN C 29 1.26 -4.09 -12.79
CA GLN C 29 2.22 -4.49 -11.72
C GLN C 29 1.92 -5.91 -11.27
N ASP C 30 0.60 -6.15 -11.08
CA ASP C 30 -0.11 -7.44 -10.82
C ASP C 30 0.00 -8.44 -11.98
N SER C 31 1.16 -8.47 -12.63
CA SER C 31 1.36 -8.94 -14.01
C SER C 31 0.12 -9.34 -14.86
N SER C 32 -0.84 -8.41 -14.97
CA SER C 32 -1.92 -8.57 -15.94
C SER C 32 -1.46 -8.14 -17.37
N GLU C 33 -2.21 -8.51 -18.41
CA GLU C 33 -1.77 -8.16 -19.77
C GLU C 33 -2.85 -7.95 -20.84
N ILE C 34 -3.47 -6.78 -20.83
CA ILE C 34 -4.60 -6.49 -21.73
C ILE C 34 -4.12 -6.00 -23.11
N HIS C 35 -4.68 -6.57 -24.17
CA HIS C 35 -4.33 -6.18 -25.54
C HIS C 35 -5.35 -5.21 -26.13
N PHE C 36 -4.87 -4.31 -26.99
CA PHE C 36 -5.73 -3.30 -27.60
C PHE C 36 -5.39 -3.10 -29.05
N LYS C 37 -6.40 -2.84 -29.88
CA LYS C 37 -6.15 -2.36 -31.27
C LYS C 37 -6.48 -0.85 -31.32
N VAL C 38 -5.48 -0.04 -31.64
CA VAL C 38 -5.71 1.41 -31.60
C VAL C 38 -5.20 2.10 -32.87
N LYS C 39 -5.95 3.13 -33.25
CA LYS C 39 -5.61 3.94 -34.41
C LYS C 39 -4.51 4.95 -34.05
N MET C 40 -3.43 4.92 -34.83
CA MET C 40 -2.26 5.77 -34.61
C MET C 40 -2.53 7.25 -34.31
N THR C 41 -3.73 7.70 -34.60
CA THR C 41 -4.06 9.09 -34.40
C THR C 41 -4.80 9.33 -33.07
N THR C 42 -5.12 8.26 -32.35
CA THR C 42 -5.94 8.36 -31.14
C THR C 42 -5.33 9.22 -29.99
N HIS C 43 -6.19 9.94 -29.29
CA HIS C 43 -5.79 10.56 -28.01
C HIS C 43 -5.76 9.46 -26.96
N LEU C 44 -4.56 9.23 -26.44
CA LEU C 44 -4.28 8.09 -25.57
C LEU C 44 -5.12 8.03 -24.30
N LYS C 45 -5.79 9.12 -23.96
CA LYS C 45 -6.77 9.16 -22.87
C LYS C 45 -7.90 8.21 -23.16
N LYS C 46 -8.25 8.10 -24.43
CA LYS C 46 -9.31 7.17 -24.84
C LYS C 46 -8.92 5.73 -24.47
N LEU C 47 -7.62 5.43 -24.63
CA LEU C 47 -7.05 4.15 -24.25
C LEU C 47 -7.07 3.95 -22.74
N LYS C 48 -6.75 5.00 -21.98
CA LYS C 48 -6.75 4.89 -20.54
C LYS C 48 -8.15 4.55 -20.09
N GLU C 49 -9.12 5.25 -20.68
CA GLU C 49 -10.52 5.04 -20.35
C GLU C 49 -10.96 3.64 -20.74
N SER C 50 -10.62 3.23 -21.96
CA SER C 50 -10.77 1.83 -22.37
C SER C 50 -10.25 0.84 -21.31
N TYR C 51 -8.98 1.00 -20.92
CA TYR C 51 -8.34 0.18 -19.85
C TYR C 51 -9.11 0.10 -18.54
N CYS C 52 -9.44 1.26 -17.96
CA CYS C 52 -10.06 1.28 -16.63
C CYS C 52 -11.44 0.64 -16.61
N GLN C 53 -12.09 0.68 -17.78
CA GLN C 53 -13.39 0.07 -17.98
C GLN C 53 -13.26 -1.48 -18.03
N ARG C 54 -12.37 -2.00 -18.87
CA ARG C 54 -12.22 -3.45 -19.00
C ARG C 54 -11.61 -4.07 -17.73
N GLN C 55 -11.28 -3.24 -16.76
CA GLN C 55 -10.56 -3.69 -15.57
C GLN C 55 -11.22 -3.32 -14.26
N GLY C 56 -12.35 -2.59 -14.33
CA GLY C 56 -12.99 -1.98 -13.16
C GLY C 56 -12.01 -1.25 -12.22
N VAL C 57 -11.67 -0.01 -12.58
CA VAL C 57 -10.89 0.86 -11.69
C VAL C 57 -11.26 2.28 -12.05
N PRO C 58 -11.38 3.18 -11.04
CA PRO C 58 -11.72 4.55 -11.42
C PRO C 58 -10.49 5.20 -12.06
N MET C 59 -10.71 6.04 -13.09
CA MET C 59 -9.64 6.59 -13.93
C MET C 59 -8.35 6.99 -13.16
N ASN C 60 -8.25 8.20 -12.61
CA ASN C 60 -6.94 8.62 -12.12
C ASN C 60 -6.52 7.89 -10.85
N SER C 61 -6.77 6.59 -10.88
CA SER C 61 -6.31 5.64 -9.88
C SER C 61 -5.03 4.98 -10.41
N LEU C 62 -4.57 5.52 -11.57
CA LEU C 62 -3.51 4.92 -12.39
C LEU C 62 -2.48 5.90 -12.96
N ARG C 63 -1.42 5.34 -13.52
CA ARG C 63 -0.40 6.08 -14.29
C ARG C 63 0.24 5.19 -15.42
N PHE C 64 0.14 5.69 -16.66
CA PHE C 64 0.49 4.88 -17.82
C PHE C 64 1.83 5.26 -18.35
N LEU C 65 2.71 4.29 -18.50
CA LEU C 65 4.06 4.60 -18.92
C LEU C 65 4.42 3.97 -20.25
N PHE C 66 4.97 4.79 -21.15
CA PHE C 66 5.61 4.25 -22.34
C PHE C 66 7.12 4.54 -22.32
N GLU C 67 7.93 3.47 -22.37
CA GLU C 67 9.39 3.60 -22.27
C GLU C 67 9.77 4.57 -21.14
N GLY C 68 9.60 4.09 -19.89
CA GLY C 68 9.82 4.89 -18.67
C GLY C 68 9.20 6.30 -18.56
N GLN C 69 8.54 6.77 -19.62
CA GLN C 69 8.03 8.14 -19.65
C GLN C 69 6.50 8.22 -19.56
N ARG C 70 6.01 9.11 -18.72
CA ARG C 70 4.58 9.42 -18.59
C ARG C 70 3.79 9.52 -19.93
N ILE C 71 2.48 9.26 -19.90
CA ILE C 71 1.61 9.54 -21.07
C ILE C 71 0.42 10.38 -20.65
N ALA C 72 0.36 11.61 -21.12
CA ALA C 72 -0.83 12.45 -20.83
C ALA C 72 -1.99 12.26 -21.82
N ASP C 73 -3.17 12.59 -21.34
CA ASP C 73 -4.46 12.43 -22.03
C ASP C 73 -4.48 12.67 -23.55
N ASN C 74 -3.65 13.59 -24.04
CA ASN C 74 -3.77 14.08 -25.42
C ASN C 74 -2.62 13.71 -26.32
N HIS C 75 -1.58 13.16 -25.70
CA HIS C 75 -0.49 12.50 -26.38
C HIS C 75 -1.08 11.54 -27.40
N THR C 76 -0.29 11.19 -28.42
CA THR C 76 -0.77 10.31 -29.50
C THR C 76 0.25 9.24 -29.92
N PRO C 77 -0.24 8.06 -30.34
CA PRO C 77 0.69 6.99 -30.72
C PRO C 77 1.64 7.40 -31.82
N LYS C 78 1.16 8.24 -32.75
CA LYS C 78 2.03 8.89 -33.73
C LYS C 78 3.11 9.75 -33.01
N GLU C 79 2.67 10.73 -32.20
CA GLU C 79 3.55 11.69 -31.48
C GLU C 79 4.64 11.00 -30.68
N LEU C 80 4.25 9.93 -29.96
CA LEU C 80 5.19 9.19 -29.13
C LEU C 80 6.00 8.20 -29.96
N GLY C 81 5.69 8.14 -31.26
CA GLY C 81 6.35 7.19 -32.16
C GLY C 81 6.17 5.77 -31.68
N MET C 82 4.95 5.27 -31.87
CA MET C 82 4.58 3.92 -31.40
C MET C 82 4.51 2.94 -32.55
N GLU C 83 5.12 1.78 -32.33
CA GLU C 83 5.14 0.73 -33.33
C GLU C 83 4.03 -0.27 -33.04
N GLU C 84 3.95 -1.27 -33.92
CA GLU C 84 3.14 -2.44 -33.68
C GLU C 84 3.73 -3.15 -32.49
N GLU C 85 2.91 -3.96 -31.83
CA GLU C 85 3.34 -4.82 -30.72
C GLU C 85 3.87 -4.15 -29.44
N ASP C 86 4.18 -2.84 -29.49
CA ASP C 86 4.68 -2.03 -28.34
C ASP C 86 3.96 -2.25 -26.97
N VAL C 87 4.59 -1.75 -25.92
CA VAL C 87 4.17 -2.01 -24.55
C VAL C 87 3.92 -0.73 -23.73
N ILE C 88 2.83 -0.77 -22.94
CA ILE C 88 2.53 0.26 -21.97
C ILE C 88 2.37 -0.36 -20.59
N GLU C 89 2.94 0.30 -19.61
CA GLU C 89 3.04 -0.20 -18.25
C GLU C 89 2.17 0.66 -17.38
N VAL C 90 1.23 0.04 -16.65
CA VAL C 90 0.42 0.77 -15.67
C VAL C 90 0.86 0.58 -14.24
N TYR C 91 1.00 1.70 -13.56
CA TYR C 91 1.49 1.74 -12.22
C TYR C 91 0.41 2.36 -11.40
N GLN C 92 -0.04 1.63 -10.38
CA GLN C 92 -1.08 2.08 -9.44
C GLN C 92 -0.39 2.51 -8.13
N GLU C 93 -0.67 3.72 -7.63
CA GLU C 93 -0.12 4.24 -6.36
C GLU C 93 -0.78 3.71 -5.08
N GLN C 94 -0.06 2.87 -4.32
CA GLN C 94 -0.57 2.46 -3.06
C GLN C 94 -0.58 3.65 -2.10
N CYS C 95 -1.57 3.64 -1.21
CA CYS C 95 -1.65 4.66 -0.21
C CYS C 95 -1.87 4.09 1.19
N GLY C 96 -1.68 2.80 1.33
CA GLY C 96 -1.55 2.29 2.68
C GLY C 96 -0.12 2.40 3.19
N GLY C 97 0.12 1.91 4.40
CA GLY C 97 1.44 1.81 4.90
C GLY C 97 1.48 1.91 6.39
#